data_3SB0
#
_entry.id   3SB0
#
_cell.length_a   78.534
_cell.length_b   78.534
_cell.length_c   224.070
_cell.angle_alpha   90.00
_cell.angle_beta   90.00
_cell.angle_gamma   90.00
#
_symmetry.space_group_name_H-M   'P 43 21 2'
#
loop_
_entity.id
_entity.type
_entity.pdbx_description
1 polymer 'Malate synthase G'
2 non-polymer 'MAGNESIUM ION'
3 non-polymer '4-(2-chloro-6-fluoro-3-methylphenyl)-2,4-dioxobutanoic acid'
4 water water
#
_entity_poly.entity_id   1
_entity_poly.type   'polypeptide(L)'
_entity_poly.pdbx_seq_one_letter_code
;MTDRVSVGNLRIARVLYDFVNNEALPGTDIDPDSFWAGVDKVVADLTPQNQALLNARDELQAQIDKWHRRRVIEPIDMDA
YRQFLTEIGYLLPEPDDFTITTSGVDAEITTTAGPQLVVPVLNARFALNAANARWGSLYDALYGTDVIPETDGAEKGPTY
NKVRGDKVIAYARKFLDDSVPLSSGSFGDATGFTVQDGQLVVALPDKSTGLANPGQFAGYTGAAESPTSVLLINHGLHIE
ILIDPESQVGTTDRAGVKDVILESAITTIMDFEDSVAAVDAADKVLGYRNWLGLNKGDLAAAVDKDGTAFLRVLNRDRNY
TAPGGGQFTLPGRSLMFVRNVGHLMTNDAIVDTDGSEVFEGIMDALFTGLIAIHGLKASDVNGPLINSRTGSIYIVKPKM
HGPAEVAFTCELFSRVEDVLGLPQNTMKIGIMDEERRTTVNLKACIKAAADRVVFINTGFLDRTGDEIHTSMEAGPMVRK
GTMKSQPWILAYEDHNVDAGLAAGFSGRAQVGKGMWTMTELMADMVETKIAQPRAGASTAWVPSPTAATLHALHYHQVDV
AAVQQGLAGKRRATIEQLLTIPLAKELAWAPDEIREEVDNNCQSILGYVVRWVDQGVGASKVPDIHDVALMEDRATLRIS
SQLLANWLRHGVITSADVRASLERMAPLVDRQNAGDVAYRPMAPNFDDSIAFLAAQELILSGAQQPNGYTEPILHRRRRE
FKARAAEKPAPSDRAGDDAAR
;
_entity_poly.pdbx_strand_id   A
#
# COMPACT_ATOMS: atom_id res chain seq x y z
N THR A 2 28.23 20.83 15.89
CA THR A 2 27.36 19.84 15.28
C THR A 2 27.86 19.40 13.90
N ASP A 3 27.29 18.30 13.42
CA ASP A 3 27.64 17.73 12.12
C ASP A 3 26.54 18.16 11.16
N ARG A 4 26.48 19.45 10.89
CA ARG A 4 25.41 20.04 10.10
C ARG A 4 25.94 21.06 9.11
N VAL A 5 25.17 21.28 8.06
CA VAL A 5 25.56 22.18 7.00
C VAL A 5 24.58 23.34 6.93
N SER A 6 25.11 24.57 6.90
CA SER A 6 24.27 25.75 6.87
C SER A 6 23.93 26.13 5.44
N VAL A 7 22.66 26.12 5.11
CA VAL A 7 22.19 26.67 3.85
C VAL A 7 21.05 27.61 4.16
N GLY A 8 21.29 28.91 4.05
CA GLY A 8 20.29 29.90 4.38
C GLY A 8 19.88 29.76 5.83
N ASN A 9 18.61 29.54 6.07
CA ASN A 9 18.09 29.44 7.43
C ASN A 9 18.11 27.99 7.93
N LEU A 10 18.62 27.09 7.11
CA LEU A 10 18.57 25.67 7.42
C LEU A 10 19.92 25.08 7.81
N ARG A 11 19.86 24.13 8.74
CA ARG A 11 21.03 23.40 9.17
C ARG A 11 20.81 21.92 8.89
N ILE A 12 21.41 21.46 7.81
CA ILE A 12 21.15 20.14 7.27
C ILE A 12 22.11 19.09 7.83
N ALA A 13 21.57 17.97 8.30
CA ALA A 13 22.44 16.87 8.74
C ALA A 13 23.46 16.54 7.65
N ARG A 14 24.74 16.49 8.01
CA ARG A 14 25.80 16.23 7.03
C ARG A 14 25.54 14.94 6.22
N VAL A 15 25.03 13.90 6.88
CA VAL A 15 24.84 12.63 6.19
C VAL A 15 23.85 12.77 5.03
N LEU A 16 22.83 13.60 5.22
CA LEU A 16 21.87 13.90 4.17
C LEU A 16 22.47 14.81 3.10
N TYR A 17 23.17 15.86 3.55
CA TYR A 17 23.83 16.79 2.64
C TYR A 17 24.76 16.03 1.70
N ASP A 18 25.56 15.13 2.25
CA ASP A 18 26.49 14.35 1.44
C ASP A 18 25.76 13.42 0.46
N PHE A 19 24.84 12.62 0.98
CA PHE A 19 24.03 11.75 0.14
C PHE A 19 23.52 12.51 -1.08
N VAL A 20 22.87 13.63 -0.85
CA VAL A 20 22.30 14.37 -1.96
C VAL A 20 23.36 14.79 -2.97
N ASN A 21 24.46 15.37 -2.49
CA ASN A 21 25.46 15.92 -3.38
C ASN A 21 26.23 14.83 -4.12
N ASN A 22 26.50 13.74 -3.42
CA ASN A 22 27.37 12.72 -3.95
C ASN A 22 26.64 11.62 -4.70
N GLU A 23 25.36 11.41 -4.38
CA GLU A 23 24.63 10.30 -4.98
C GLU A 23 23.42 10.74 -5.80
N ALA A 24 22.67 11.68 -5.26
CA ALA A 24 21.37 12.05 -5.84
C ALA A 24 21.48 13.02 -7.00
N LEU A 25 22.25 14.09 -6.81
CA LEU A 25 22.38 15.15 -7.80
C LEU A 25 23.15 14.75 -9.07
N PRO A 26 24.29 14.07 -8.91
CA PRO A 26 25.06 13.65 -10.09
C PRO A 26 24.20 12.89 -11.07
N GLY A 27 24.08 13.40 -12.29
CA GLY A 27 23.27 12.76 -13.30
C GLY A 27 22.00 13.53 -13.64
N THR A 28 21.68 14.54 -12.84
CA THR A 28 20.45 15.32 -13.05
C THR A 28 20.67 16.64 -13.78
N ASP A 29 21.89 17.16 -13.76
CA ASP A 29 22.19 18.47 -14.34
C ASP A 29 21.60 19.61 -13.52
N ILE A 30 21.22 19.31 -12.28
CA ILE A 30 20.82 20.33 -11.34
C ILE A 30 22.05 20.77 -10.54
N ASP A 31 22.31 22.06 -10.57
CA ASP A 31 23.39 22.67 -9.80
C ASP A 31 23.08 22.54 -8.31
N PRO A 32 23.96 21.85 -7.57
CA PRO A 32 23.81 21.65 -6.12
C PRO A 32 23.47 22.94 -5.37
N ASP A 33 24.07 24.05 -5.79
CA ASP A 33 23.83 25.34 -5.14
C ASP A 33 22.39 25.79 -5.40
N SER A 34 21.95 25.68 -6.63
CA SER A 34 20.56 25.98 -6.98
C SER A 34 19.61 25.06 -6.22
N PHE A 35 19.92 23.77 -6.20
CA PHE A 35 19.10 22.84 -5.46
C PHE A 35 18.90 23.27 -4.00
N TRP A 36 20.01 23.42 -3.29
CA TRP A 36 19.96 23.71 -1.86
C TRP A 36 19.35 25.07 -1.55
N ALA A 37 19.53 26.03 -2.44
CA ALA A 37 18.86 27.31 -2.26
C ALA A 37 17.36 27.13 -2.47
N GLY A 38 17.00 26.23 -3.38
CA GLY A 38 15.60 25.89 -3.61
C GLY A 38 14.93 25.30 -2.38
N VAL A 39 15.53 24.27 -1.82
CA VAL A 39 15.07 23.71 -0.55
C VAL A 39 14.78 24.79 0.50
N ASP A 40 15.76 25.66 0.72
CA ASP A 40 15.66 26.74 1.68
C ASP A 40 14.43 27.60 1.41
N LYS A 41 14.28 28.02 0.15
CA LYS A 41 13.18 28.87 -0.27
C LYS A 41 11.82 28.17 -0.13
N VAL A 42 11.74 26.92 -0.56
CA VAL A 42 10.49 26.17 -0.46
C VAL A 42 10.05 25.92 0.99
N VAL A 43 11.00 25.52 1.85
CA VAL A 43 10.70 25.33 3.26
C VAL A 43 10.23 26.63 3.91
N ALA A 44 10.92 27.74 3.62
CA ALA A 44 10.56 29.03 4.18
C ALA A 44 9.18 29.49 3.73
N ASP A 45 8.91 29.29 2.45
CA ASP A 45 7.66 29.77 1.84
C ASP A 45 6.44 28.94 2.23
N LEU A 46 6.61 27.64 2.41
CA LEU A 46 5.45 26.76 2.60
C LEU A 46 5.19 26.31 4.02
N THR A 47 6.19 26.44 4.89
CA THR A 47 6.03 26.01 6.27
C THR A 47 4.84 26.67 6.99
N PRO A 48 4.63 27.98 6.79
CA PRO A 48 3.52 28.61 7.50
C PRO A 48 2.14 28.04 7.14
N GLN A 49 1.95 27.66 5.88
CA GLN A 49 0.68 27.14 5.45
C GLN A 49 0.54 25.71 5.94
N ASN A 50 1.64 24.97 5.88
CA ASN A 50 1.63 23.61 6.39
C ASN A 50 1.16 23.66 7.85
N GLN A 51 1.75 24.56 8.64
CA GLN A 51 1.37 24.72 10.05
C GLN A 51 -0.09 25.18 10.23
N ALA A 52 -0.53 26.14 9.42
CA ALA A 52 -1.91 26.60 9.43
C ALA A 52 -2.90 25.47 9.16
N LEU A 53 -2.49 24.49 8.36
CA LEU A 53 -3.35 23.35 8.04
C LEU A 53 -3.46 22.39 9.23
N LEU A 54 -2.36 22.18 9.96
CA LEU A 54 -2.45 21.39 11.18
C LEU A 54 -3.28 22.09 12.25
N ASN A 55 -3.16 23.41 12.35
CA ASN A 55 -3.97 24.14 13.33
C ASN A 55 -5.45 24.02 13.03
N ALA A 56 -5.77 23.90 11.74
CA ALA A 56 -7.16 23.79 11.32
C ALA A 56 -7.74 22.46 11.76
N ARG A 57 -7.00 21.38 11.52
CA ARG A 57 -7.39 20.06 12.01
C ARG A 57 -7.73 20.16 13.50
N ASP A 58 -6.89 20.88 14.25
CA ASP A 58 -7.04 20.93 15.70
C ASP A 58 -8.30 21.71 16.13
N GLU A 59 -8.58 22.79 15.42
CA GLU A 59 -9.74 23.62 15.68
C GLU A 59 -11.04 22.87 15.38
N LEU A 60 -11.04 22.11 14.30
CA LEU A 60 -12.21 21.32 13.94
C LEU A 60 -12.43 20.18 14.92
N GLN A 61 -11.36 19.47 15.29
CA GLN A 61 -11.52 18.37 16.24
C GLN A 61 -12.02 18.87 17.61
N ALA A 62 -11.53 20.03 18.03
CA ALA A 62 -11.97 20.62 19.30
C ALA A 62 -13.49 20.87 19.32
N GLN A 63 -14.00 21.42 18.22
CA GLN A 63 -15.41 21.73 18.08
C GLN A 63 -16.27 20.47 18.03
N ILE A 64 -15.76 19.43 17.40
CA ILE A 64 -16.46 18.16 17.39
C ILE A 64 -16.48 17.50 18.81
N ASP A 65 -15.34 17.44 19.48
CA ASP A 65 -15.30 16.95 20.88
C ASP A 65 -16.33 17.68 21.76
N LYS A 66 -16.38 18.99 21.66
CA LYS A 66 -17.28 19.79 22.49
C LYS A 66 -18.74 19.48 22.16
N TRP A 67 -19.03 19.37 20.87
CA TRP A 67 -20.37 19.06 20.42
C TRP A 67 -20.86 17.77 21.09
N HIS A 68 -20.03 16.74 21.10
CA HIS A 68 -20.45 15.46 21.65
C HIS A 68 -20.66 15.55 23.15
N ARG A 69 -19.88 16.40 23.80
CA ARG A 69 -19.96 16.56 25.25
C ARG A 69 -21.25 17.24 25.69
N ARG A 70 -22.14 17.52 24.75
CA ARG A 70 -23.52 17.91 25.05
C ARG A 70 -24.50 17.28 24.05
N ARG A 71 -25.21 16.23 24.42
CA ARG A 71 -25.11 15.59 25.72
C ARG A 71 -24.02 14.51 25.68
N ILE A 76 -28.63 10.13 18.52
CA ILE A 76 -27.86 11.04 17.69
C ILE A 76 -28.68 11.56 16.50
N ASP A 77 -29.04 12.85 16.54
CA ASP A 77 -29.79 13.46 15.45
C ASP A 77 -28.90 13.85 14.26
N MET A 78 -29.11 13.18 13.13
CA MET A 78 -28.23 13.30 11.99
C MET A 78 -28.37 14.63 11.28
N ASP A 79 -29.58 15.18 11.26
CA ASP A 79 -29.81 16.48 10.63
C ASP A 79 -28.99 17.55 11.35
N ALA A 80 -29.01 17.49 12.68
CA ALA A 80 -28.35 18.48 13.52
C ALA A 80 -26.84 18.35 13.40
N TYR A 81 -26.36 17.12 13.40
CA TYR A 81 -24.95 16.82 13.30
C TYR A 81 -24.41 17.33 11.98
N ARG A 82 -25.13 17.01 10.92
CA ARG A 82 -24.74 17.40 9.55
C ARG A 82 -24.73 18.92 9.40
N GLN A 83 -25.73 19.59 9.94
CA GLN A 83 -25.76 21.05 9.91
C GLN A 83 -24.56 21.62 10.68
N PHE A 84 -24.25 21.02 11.82
CA PHE A 84 -23.10 21.42 12.61
C PHE A 84 -21.77 21.31 11.84
N LEU A 85 -21.55 20.17 11.18
CA LEU A 85 -20.34 19.97 10.36
C LEU A 85 -20.25 21.00 9.23
N THR A 86 -21.39 21.34 8.66
CA THR A 86 -21.45 22.36 7.62
C THR A 86 -21.08 23.75 8.14
N GLU A 87 -21.53 24.06 9.35
CA GLU A 87 -21.28 25.36 9.95
C GLU A 87 -19.81 25.58 10.25
N ILE A 88 -19.17 24.57 10.82
CA ILE A 88 -17.78 24.70 11.23
C ILE A 88 -16.80 24.54 10.06
N GLY A 89 -17.34 24.31 8.86
CA GLY A 89 -16.52 24.22 7.66
C GLY A 89 -15.82 22.88 7.47
N TYR A 90 -16.34 21.85 8.13
CA TYR A 90 -15.81 20.49 8.01
C TYR A 90 -16.40 19.84 6.77
N LEU A 91 -17.72 19.93 6.66
CA LEU A 91 -18.44 19.41 5.51
C LEU A 91 -18.68 20.56 4.52
N LEU A 92 -18.04 20.49 3.36
CA LEU A 92 -18.08 21.58 2.42
C LEU A 92 -19.05 21.29 1.28
N PRO A 93 -19.45 22.33 0.54
CA PRO A 93 -20.33 22.16 -0.62
C PRO A 93 -19.67 21.25 -1.67
N GLU A 94 -20.49 20.45 -2.34
CA GLU A 94 -20.02 19.61 -3.42
C GLU A 94 -19.81 20.52 -4.63
N PRO A 95 -18.65 20.40 -5.28
CA PRO A 95 -18.45 21.25 -6.47
C PRO A 95 -19.24 20.70 -7.65
N ASP A 96 -19.26 21.45 -8.74
CA ASP A 96 -19.89 20.96 -9.96
C ASP A 96 -19.12 19.82 -10.59
N ASP A 97 -19.84 18.99 -11.33
CA ASP A 97 -19.25 17.86 -12.04
C ASP A 97 -18.11 18.31 -12.93
N PHE A 98 -17.12 17.44 -13.11
CA PHE A 98 -15.95 17.76 -13.90
C PHE A 98 -15.25 16.45 -14.27
N THR A 99 -14.31 16.54 -15.21
CA THR A 99 -13.49 15.40 -15.57
C THR A 99 -12.03 15.75 -15.29
N ILE A 100 -11.26 14.79 -14.78
CA ILE A 100 -9.85 15.06 -14.55
C ILE A 100 -9.07 15.23 -15.87
N THR A 101 -7.98 15.97 -15.81
CA THR A 101 -7.21 16.27 -17.01
C THR A 101 -5.78 15.76 -16.92
N THR A 102 -5.48 14.99 -15.88
CA THR A 102 -4.12 14.46 -15.68
C THR A 102 -3.65 13.80 -16.97
N SER A 103 -2.46 14.19 -17.44
CA SER A 103 -1.93 13.66 -18.70
C SER A 103 -0.51 13.16 -18.54
N GLY A 104 -0.04 12.39 -19.52
CA GLY A 104 1.32 11.86 -19.47
C GLY A 104 1.48 10.71 -18.48
N VAL A 105 0.39 9.96 -18.29
CA VAL A 105 0.43 8.83 -17.37
C VAL A 105 0.67 7.54 -18.13
N ASP A 106 1.40 6.62 -17.50
CA ASP A 106 1.74 5.33 -18.10
C ASP A 106 0.52 4.40 -18.16
N ALA A 107 0.58 3.41 -19.06
CA ALA A 107 -0.51 2.45 -19.27
C ALA A 107 -0.84 1.62 -18.03
N GLU A 108 0.19 1.25 -17.27
CA GLU A 108 0.01 0.47 -16.04
C GLU A 108 -1.02 1.14 -15.13
N ILE A 109 -1.17 2.46 -15.26
CA ILE A 109 -2.09 3.22 -14.41
C ILE A 109 -3.41 3.53 -15.09
N THR A 110 -3.36 3.99 -16.33
CA THR A 110 -4.56 4.50 -17.00
C THR A 110 -5.47 3.37 -17.47
N THR A 111 -4.90 2.21 -17.73
CA THR A 111 -5.58 1.21 -18.55
C THR A 111 -5.57 -0.19 -17.96
N THR A 112 -4.46 -0.58 -17.33
CA THR A 112 -4.32 -1.94 -16.84
C THR A 112 -4.84 -2.07 -15.42
N ALA A 113 -5.78 -2.98 -15.21
CA ALA A 113 -6.28 -3.28 -13.87
C ALA A 113 -5.53 -4.49 -13.30
N GLY A 114 -5.06 -4.38 -12.07
CA GLY A 114 -4.30 -5.48 -11.47
C GLY A 114 -3.80 -5.14 -10.08
N PRO A 115 -3.12 -6.11 -9.42
CA PRO A 115 -2.66 -5.91 -8.04
C PRO A 115 -1.65 -4.77 -7.90
N GLN A 116 -1.66 -4.14 -6.74
CA GLN A 116 -0.70 -3.10 -6.40
C GLN A 116 0.01 -3.48 -5.10
N LEU A 117 1.31 -3.69 -5.21
CA LEU A 117 2.10 -4.19 -4.11
C LEU A 117 2.69 -3.01 -3.33
N VAL A 118 2.70 -3.10 -2.00
CA VAL A 118 3.24 -2.02 -1.17
C VAL A 118 4.36 -2.56 -0.27
N VAL A 119 5.52 -1.90 -0.26
CA VAL A 119 6.68 -2.44 0.45
C VAL A 119 7.57 -1.37 1.11
N PRO A 120 8.11 -1.66 2.31
CA PRO A 120 9.00 -0.70 3.00
C PRO A 120 10.30 -0.44 2.23
N VAL A 121 10.53 0.82 1.86
CA VAL A 121 11.65 1.18 1.03
C VAL A 121 12.97 0.95 1.77
N LEU A 122 12.92 0.93 3.10
CA LEU A 122 14.14 0.77 3.91
C LEU A 122 14.72 -0.65 3.88
N ASN A 123 13.91 -1.61 3.43
CA ASN A 123 14.41 -2.97 3.29
C ASN A 123 14.74 -3.29 1.83
N ALA A 124 16.02 -3.22 1.49
CA ALA A 124 16.45 -3.34 0.08
C ALA A 124 16.02 -4.65 -0.55
N ARG A 125 16.15 -5.74 0.20
CA ARG A 125 15.78 -7.07 -0.29
C ARG A 125 14.32 -7.12 -0.68
N PHE A 126 13.45 -6.72 0.25
CA PHE A 126 12.01 -6.71 -0.01
C PHE A 126 11.65 -5.81 -1.20
N ALA A 127 12.27 -4.63 -1.29
CA ALA A 127 11.96 -3.67 -2.35
C ALA A 127 12.38 -4.19 -3.74
N LEU A 128 13.53 -4.85 -3.80
CA LEU A 128 13.94 -5.57 -4.99
C LEU A 128 12.94 -6.67 -5.39
N ASN A 129 12.56 -7.52 -4.44
CA ASN A 129 11.55 -8.55 -4.74
C ASN A 129 10.24 -7.94 -5.25
N ALA A 130 9.84 -6.82 -4.65
CA ALA A 130 8.62 -6.13 -5.08
C ALA A 130 8.72 -5.60 -6.52
N ALA A 131 9.80 -4.90 -6.83
CA ALA A 131 10.05 -4.39 -8.17
C ALA A 131 10.03 -5.51 -9.22
N ASN A 132 10.61 -6.65 -8.87
CA ASN A 132 10.64 -7.83 -9.73
C ASN A 132 9.33 -8.62 -9.75
N ALA A 133 8.39 -8.22 -8.91
CA ALA A 133 7.14 -8.98 -8.77
C ALA A 133 6.17 -8.75 -9.91
N ARG A 134 6.53 -7.91 -10.87
CA ARG A 134 5.73 -7.73 -12.08
C ARG A 134 5.38 -9.10 -12.66
N TRP A 135 6.30 -10.06 -12.51
CA TRP A 135 6.07 -11.43 -12.96
C TRP A 135 6.30 -12.40 -11.82
N GLY A 136 5.41 -13.37 -11.68
CA GLY A 136 5.47 -14.34 -10.61
C GLY A 136 5.00 -15.73 -11.02
N SER A 137 5.61 -16.75 -10.44
CA SER A 137 5.24 -18.12 -10.74
C SER A 137 3.93 -18.51 -10.05
N LEU A 138 2.94 -18.87 -10.84
CA LEU A 138 1.66 -19.34 -10.30
C LEU A 138 1.81 -20.67 -9.59
N TYR A 139 2.69 -21.55 -10.09
CA TYR A 139 2.90 -22.84 -9.46
C TYR A 139 3.44 -22.69 -8.05
N ASP A 140 4.45 -21.85 -7.91
CA ASP A 140 5.04 -21.56 -6.60
C ASP A 140 4.00 -21.00 -5.64
N ALA A 141 3.17 -20.07 -6.12
CA ALA A 141 2.17 -19.44 -5.26
C ALA A 141 1.10 -20.44 -4.81
N LEU A 142 0.73 -21.37 -5.67
CA LEU A 142 -0.25 -22.43 -5.33
C LEU A 142 0.38 -23.51 -4.44
N TYR A 143 1.55 -24.00 -4.84
CA TYR A 143 2.22 -25.05 -4.11
C TYR A 143 2.61 -24.60 -2.70
N GLY A 144 3.22 -23.42 -2.61
CA GLY A 144 3.72 -22.90 -1.34
C GLY A 144 2.71 -22.33 -0.35
N THR A 145 1.45 -22.12 -0.75
CA THR A 145 0.44 -21.56 0.14
C THR A 145 -0.74 -22.51 0.36
N ASP A 146 -1.70 -22.08 1.17
CA ASP A 146 -2.83 -22.94 1.52
C ASP A 146 -3.95 -22.88 0.49
N VAL A 147 -3.72 -22.24 -0.65
CA VAL A 147 -4.75 -22.26 -1.69
C VAL A 147 -5.03 -23.70 -2.13
N ILE A 148 -3.98 -24.50 -2.23
CA ILE A 148 -4.14 -25.95 -2.30
C ILE A 148 -4.06 -26.43 -0.86
N PRO A 149 -5.19 -26.93 -0.33
CA PRO A 149 -5.25 -27.36 1.07
C PRO A 149 -4.32 -28.55 1.32
N GLU A 150 -3.72 -28.61 2.49
CA GLU A 150 -2.81 -29.71 2.82
C GLU A 150 -3.58 -30.91 3.39
N THR A 151 -4.57 -31.37 2.63
CA THR A 151 -5.31 -32.55 3.02
C THR A 151 -4.43 -33.79 2.98
N ASP A 152 -4.99 -34.89 3.46
CA ASP A 152 -4.29 -36.16 3.50
C ASP A 152 -3.70 -36.46 2.13
N GLY A 153 -2.39 -36.66 2.09
CA GLY A 153 -1.69 -36.98 0.85
C GLY A 153 -1.07 -35.80 0.12
N ALA A 154 -1.63 -34.61 0.31
CA ALA A 154 -1.20 -33.44 -0.45
C ALA A 154 -0.49 -32.41 0.44
N GLU A 155 0.15 -32.88 1.51
CA GLU A 155 0.78 -31.93 2.40
C GLU A 155 2.18 -31.57 1.89
N LYS A 156 2.65 -30.42 2.29
CA LYS A 156 4.03 -30.02 2.02
C LYS A 156 5.00 -30.82 2.90
N GLY A 157 6.07 -31.30 2.29
CA GLY A 157 7.12 -32.01 3.00
C GLY A 157 8.44 -31.33 2.71
N PRO A 158 9.57 -31.97 3.11
CA PRO A 158 10.90 -31.41 2.85
C PRO A 158 11.22 -31.49 1.36
N THR A 159 10.63 -32.47 0.69
CA THR A 159 10.77 -32.62 -0.76
C THR A 159 9.44 -32.50 -1.50
N TYR A 160 9.53 -32.48 -2.82
CA TYR A 160 8.40 -32.24 -3.71
C TYR A 160 7.32 -33.34 -3.61
N ASN A 161 6.11 -32.93 -3.28
CA ASN A 161 4.98 -33.85 -3.22
C ASN A 161 4.25 -33.83 -4.56
N LYS A 162 4.32 -34.94 -5.26
CA LYS A 162 3.79 -35.03 -6.62
C LYS A 162 2.26 -34.99 -6.64
N VAL A 163 1.66 -35.52 -5.60
CA VAL A 163 0.21 -35.49 -5.46
C VAL A 163 -0.22 -34.02 -5.33
N ARG A 164 0.54 -33.25 -4.55
CA ARG A 164 0.28 -31.83 -4.39
C ARG A 164 0.54 -31.08 -5.71
N GLY A 165 1.66 -31.39 -6.35
CA GLY A 165 2.02 -30.79 -7.64
C GLY A 165 0.95 -31.05 -8.68
N ASP A 166 0.39 -32.27 -8.66
CA ASP A 166 -0.73 -32.57 -9.54
C ASP A 166 -1.94 -31.66 -9.29
N LYS A 167 -2.29 -31.47 -8.02
CA LYS A 167 -3.35 -30.51 -7.65
C LYS A 167 -3.03 -29.09 -8.12
N VAL A 168 -1.78 -28.66 -8.00
CA VAL A 168 -1.36 -27.35 -8.49
C VAL A 168 -1.55 -27.22 -10.00
N ILE A 169 -1.08 -28.22 -10.72
CA ILE A 169 -1.21 -28.30 -12.17
C ILE A 169 -2.66 -28.22 -12.63
N ALA A 170 -3.55 -28.98 -11.99
CA ALA A 170 -4.95 -28.97 -12.40
C ALA A 170 -5.66 -27.65 -12.07
N TYR A 171 -5.26 -27.00 -10.98
CA TYR A 171 -5.78 -25.69 -10.66
C TYR A 171 -5.47 -24.72 -11.80
N ALA A 172 -4.23 -24.74 -12.26
CA ALA A 172 -3.77 -23.83 -13.30
C ALA A 172 -4.40 -24.13 -14.66
N ARG A 173 -4.61 -25.41 -14.97
CA ARG A 173 -5.29 -25.76 -16.21
C ARG A 173 -6.68 -25.16 -16.20
N LYS A 174 -7.34 -25.27 -15.05
CA LYS A 174 -8.67 -24.72 -14.90
C LYS A 174 -8.67 -23.19 -15.06
N PHE A 175 -7.69 -22.54 -14.42
CA PHE A 175 -7.49 -21.11 -14.62
C PHE A 175 -7.32 -20.78 -16.11
N LEU A 176 -6.56 -21.59 -16.84
CA LEU A 176 -6.36 -21.33 -18.27
C LEU A 176 -7.66 -21.46 -19.06
N ASP A 177 -8.45 -22.50 -18.78
CA ASP A 177 -9.69 -22.70 -19.51
C ASP A 177 -10.61 -21.50 -19.29
N ASP A 178 -10.59 -20.96 -18.07
CA ASP A 178 -11.50 -19.86 -17.72
C ASP A 178 -11.07 -18.52 -18.31
N SER A 179 -9.75 -18.29 -18.39
CA SER A 179 -9.21 -17.02 -18.86
C SER A 179 -8.98 -16.95 -20.37
N VAL A 180 -8.42 -18.03 -20.94
CA VAL A 180 -8.12 -18.06 -22.37
C VAL A 180 -8.68 -19.35 -22.98
N PRO A 181 -10.00 -19.40 -23.18
CA PRO A 181 -10.62 -20.68 -23.57
C PRO A 181 -10.23 -21.17 -24.97
N LEU A 182 -10.10 -22.49 -25.09
CA LEU A 182 -9.88 -23.11 -26.40
C LEU A 182 -11.21 -23.14 -27.14
N SER A 183 -11.15 -23.11 -28.48
CA SER A 183 -12.35 -23.26 -29.30
C SER A 183 -13.06 -24.54 -28.93
N SER A 184 -12.33 -25.64 -28.84
CA SER A 184 -12.90 -26.88 -28.32
C SER A 184 -11.93 -27.53 -27.34
N GLY A 185 -12.47 -28.30 -26.40
CA GLY A 185 -11.64 -29.01 -25.44
C GLY A 185 -11.10 -28.16 -24.30
N SER A 186 -10.21 -28.77 -23.52
CA SER A 186 -9.67 -28.17 -22.31
C SER A 186 -8.14 -28.18 -22.35
N PHE A 187 -7.52 -27.12 -21.86
CA PHE A 187 -6.08 -27.13 -21.65
C PHE A 187 -5.68 -28.38 -20.88
N GLY A 188 -6.60 -28.86 -20.04
CA GLY A 188 -6.37 -30.05 -19.26
C GLY A 188 -5.94 -31.25 -20.08
N ASP A 189 -6.20 -31.21 -21.39
CA ASP A 189 -5.93 -32.35 -22.26
C ASP A 189 -4.86 -32.07 -23.32
N ALA A 190 -4.29 -30.86 -23.27
CA ALA A 190 -3.26 -30.46 -24.22
C ALA A 190 -2.07 -31.43 -24.18
N THR A 191 -1.54 -31.74 -25.36
CA THR A 191 -0.37 -32.59 -25.45
C THR A 191 0.80 -31.78 -25.98
N GLY A 192 0.53 -30.55 -26.39
CA GLY A 192 1.57 -29.68 -26.92
C GLY A 192 1.06 -28.40 -27.53
N PHE A 193 1.99 -27.54 -27.93
CA PHE A 193 1.68 -26.21 -28.48
C PHE A 193 2.57 -25.89 -29.67
N THR A 194 2.01 -25.24 -30.67
CA THR A 194 2.79 -24.76 -31.81
C THR A 194 2.22 -23.46 -32.33
N VAL A 195 3.03 -22.75 -33.10
CA VAL A 195 2.57 -21.54 -33.76
C VAL A 195 2.55 -21.74 -35.26
N GLN A 196 1.35 -21.74 -35.84
CA GLN A 196 1.19 -21.93 -37.28
C GLN A 196 0.47 -20.75 -37.90
N ASP A 197 1.12 -20.10 -38.86
CA ASP A 197 0.58 -18.89 -39.51
C ASP A 197 0.16 -17.86 -38.47
N GLY A 198 1.09 -17.53 -37.58
CA GLY A 198 0.85 -16.54 -36.54
C GLY A 198 -0.26 -16.85 -35.55
N GLN A 199 -0.81 -18.06 -35.59
CA GLN A 199 -1.85 -18.42 -34.63
C GLN A 199 -1.41 -19.58 -33.75
N LEU A 200 -1.89 -19.59 -32.51
CA LEU A 200 -1.53 -20.64 -31.57
C LEU A 200 -2.37 -21.88 -31.84
N VAL A 201 -1.70 -23.02 -31.92
CA VAL A 201 -2.37 -24.30 -32.14
C VAL A 201 -2.08 -25.21 -30.96
N VAL A 202 -3.13 -25.68 -30.31
CA VAL A 202 -2.98 -26.53 -29.14
C VAL A 202 -3.35 -27.97 -29.49
N ALA A 203 -2.42 -28.89 -29.31
CA ALA A 203 -2.66 -30.28 -29.69
C ALA A 203 -3.45 -30.98 -28.60
N LEU A 204 -4.53 -31.64 -29.03
CA LEU A 204 -5.30 -32.48 -28.12
C LEU A 204 -5.02 -33.91 -28.55
N PRO A 205 -5.49 -34.89 -27.76
CA PRO A 205 -5.15 -36.27 -28.14
C PRO A 205 -5.77 -36.68 -29.48
N ASP A 206 -7.01 -36.27 -29.74
CA ASP A 206 -7.73 -36.67 -30.94
C ASP A 206 -7.71 -35.61 -32.05
N LYS A 207 -7.68 -34.34 -31.67
CA LYS A 207 -7.65 -33.26 -32.65
C LYS A 207 -6.68 -32.16 -32.23
N SER A 208 -6.68 -31.08 -33.00
CA SER A 208 -5.96 -29.87 -32.65
C SER A 208 -6.97 -28.74 -32.64
N THR A 209 -6.69 -27.71 -31.86
CA THR A 209 -7.62 -26.61 -31.75
C THR A 209 -6.87 -25.29 -31.53
N GLY A 210 -7.55 -24.19 -31.79
CA GLY A 210 -6.98 -22.88 -31.56
C GLY A 210 -7.74 -22.25 -30.43
N LEU A 211 -7.46 -20.97 -30.18
CA LEU A 211 -8.15 -20.22 -29.13
C LEU A 211 -9.53 -19.78 -29.58
N ALA A 212 -10.48 -19.77 -28.65
CA ALA A 212 -11.83 -19.28 -28.97
C ALA A 212 -11.69 -17.85 -29.47
N ASN A 213 -10.81 -17.10 -28.81
CA ASN A 213 -10.45 -15.76 -29.26
C ASN A 213 -8.96 -15.66 -29.58
N PRO A 214 -8.61 -15.80 -30.87
CA PRO A 214 -7.23 -15.84 -31.35
C PRO A 214 -6.42 -14.61 -30.94
N GLY A 215 -7.09 -13.49 -30.68
CA GLY A 215 -6.45 -12.26 -30.27
C GLY A 215 -5.84 -12.30 -28.88
N GLN A 216 -6.16 -13.34 -28.11
CA GLN A 216 -5.58 -13.54 -26.78
C GLN A 216 -4.18 -14.13 -26.85
N PHE A 217 -3.77 -14.53 -28.05
CA PHE A 217 -2.42 -14.99 -28.26
C PHE A 217 -1.51 -13.80 -28.45
N ALA A 218 -0.53 -13.64 -27.58
CA ALA A 218 0.30 -12.44 -27.57
C ALA A 218 1.75 -12.64 -28.01
N GLY A 219 2.21 -13.88 -28.07
CA GLY A 219 3.58 -14.17 -28.52
C GLY A 219 4.14 -15.47 -27.98
N TYR A 220 5.44 -15.69 -28.18
CA TYR A 220 6.09 -16.94 -27.75
C TYR A 220 7.58 -16.78 -27.74
N THR A 221 8.27 -17.77 -27.20
CA THR A 221 9.72 -17.82 -27.32
C THR A 221 10.12 -19.15 -27.93
N GLY A 222 11.36 -19.23 -28.40
CA GLY A 222 11.87 -20.41 -29.09
C GLY A 222 11.33 -20.44 -30.51
N ALA A 223 11.43 -21.61 -31.14
CA ALA A 223 10.92 -21.82 -32.48
C ALA A 223 9.41 -21.99 -32.49
N ALA A 224 8.76 -21.41 -33.49
CA ALA A 224 7.31 -21.55 -33.65
C ALA A 224 6.88 -23.02 -33.63
N GLU A 225 7.76 -23.89 -34.12
CA GLU A 225 7.49 -25.31 -34.31
C GLU A 225 7.68 -26.14 -33.03
N SER A 226 8.41 -25.58 -32.07
CA SER A 226 8.49 -26.13 -30.71
C SER A 226 8.96 -25.02 -29.78
N PRO A 227 8.01 -24.16 -29.37
CA PRO A 227 8.30 -22.99 -28.53
C PRO A 227 8.67 -23.38 -27.10
N THR A 228 9.50 -22.57 -26.46
CA THR A 228 9.89 -22.79 -25.07
C THR A 228 8.87 -22.12 -24.17
N SER A 229 8.07 -21.21 -24.73
CA SER A 229 6.97 -20.63 -23.96
C SER A 229 5.89 -20.03 -24.85
N VAL A 230 4.70 -19.88 -24.28
CA VAL A 230 3.57 -19.27 -24.97
C VAL A 230 3.00 -18.13 -24.12
N LEU A 231 2.93 -16.95 -24.71
CA LEU A 231 2.45 -15.77 -24.01
C LEU A 231 1.02 -15.48 -24.46
N LEU A 232 0.13 -15.31 -23.49
CA LEU A 232 -1.25 -14.99 -23.80
C LEU A 232 -1.64 -13.74 -23.04
N ILE A 233 -2.79 -13.18 -23.38
CA ILE A 233 -3.27 -11.99 -22.70
C ILE A 233 -4.79 -12.04 -22.47
N ASN A 234 -5.21 -11.50 -21.33
CA ASN A 234 -6.61 -11.49 -20.95
C ASN A 234 -6.82 -10.33 -20.01
N HIS A 235 -7.87 -9.55 -20.26
CA HIS A 235 -8.12 -8.31 -19.52
C HIS A 235 -6.86 -7.48 -19.34
N GLY A 236 -6.05 -7.43 -20.40
CA GLY A 236 -4.85 -6.60 -20.38
C GLY A 236 -3.70 -7.18 -19.59
N LEU A 237 -3.88 -8.38 -19.03
CA LEU A 237 -2.81 -9.02 -18.25
C LEU A 237 -2.20 -10.22 -18.97
N HIS A 238 -0.88 -10.33 -18.90
CA HIS A 238 -0.19 -11.43 -19.60
C HIS A 238 -0.12 -12.70 -18.78
N ILE A 239 -0.15 -13.83 -19.49
CA ILE A 239 0.05 -15.13 -18.89
C ILE A 239 1.06 -15.85 -19.76
N GLU A 240 2.07 -16.43 -19.13
CA GLU A 240 3.08 -17.13 -19.91
C GLU A 240 3.17 -18.57 -19.49
N ILE A 241 2.94 -19.47 -20.45
CA ILE A 241 3.09 -20.91 -20.23
C ILE A 241 4.51 -21.34 -20.56
N LEU A 242 5.22 -21.84 -19.56
CA LEU A 242 6.60 -22.24 -19.77
C LEU A 242 6.63 -23.72 -20.12
N ILE A 243 7.34 -24.06 -21.20
CA ILE A 243 7.33 -25.42 -21.72
C ILE A 243 8.72 -26.05 -21.64
N ASP A 244 8.87 -27.07 -20.80
CA ASP A 244 10.14 -27.79 -20.68
C ASP A 244 9.91 -29.21 -20.17
N PRO A 245 9.87 -30.17 -21.09
CA PRO A 245 9.56 -31.57 -20.78
C PRO A 245 10.63 -32.30 -19.99
N GLU A 246 11.79 -31.66 -19.80
CA GLU A 246 12.86 -32.29 -19.02
C GLU A 246 12.91 -31.77 -17.59
N SER A 247 12.16 -30.71 -17.31
CA SER A 247 12.12 -30.13 -15.99
C SER A 247 11.40 -31.05 -14.97
N GLN A 248 11.70 -30.88 -13.69
CA GLN A 248 11.05 -31.64 -12.62
C GLN A 248 9.54 -31.75 -12.84
N VAL A 249 8.88 -30.61 -13.05
CA VAL A 249 7.44 -30.60 -13.21
C VAL A 249 7.03 -30.96 -14.63
N GLY A 250 7.81 -30.49 -15.60
CA GLY A 250 7.51 -30.73 -17.00
C GLY A 250 7.44 -32.22 -17.31
N THR A 251 8.35 -32.99 -16.71
CA THR A 251 8.39 -34.43 -16.89
C THR A 251 7.07 -35.12 -16.49
N THR A 252 6.37 -34.53 -15.53
CA THR A 252 5.12 -35.12 -15.05
C THR A 252 3.91 -34.59 -15.81
N ASP A 253 4.12 -33.62 -16.70
CA ASP A 253 3.01 -32.92 -17.35
C ASP A 253 2.70 -33.51 -18.71
N ARG A 254 1.41 -33.59 -19.02
CA ARG A 254 0.94 -34.11 -20.29
C ARG A 254 1.48 -33.34 -21.49
N ALA A 255 1.68 -32.04 -21.33
CA ALA A 255 2.12 -31.21 -22.44
C ALA A 255 3.53 -30.64 -22.20
N GLY A 256 4.21 -31.17 -21.18
CA GLY A 256 5.57 -30.76 -20.86
C GLY A 256 5.64 -29.38 -20.22
N VAL A 257 4.51 -28.91 -19.72
CA VAL A 257 4.45 -27.58 -19.09
C VAL A 257 5.16 -27.57 -17.74
N LYS A 258 6.05 -26.60 -17.59
CA LYS A 258 6.93 -26.47 -16.45
C LYS A 258 6.30 -25.53 -15.42
N ASP A 259 5.61 -24.51 -15.89
CA ASP A 259 5.03 -23.49 -15.01
C ASP A 259 4.11 -22.60 -15.80
N VAL A 260 3.31 -21.82 -15.07
CA VAL A 260 2.49 -20.76 -15.63
C VAL A 260 2.91 -19.49 -14.90
N ILE A 261 3.36 -18.49 -15.65
CA ILE A 261 3.82 -17.25 -15.06
C ILE A 261 2.75 -16.17 -15.23
N LEU A 262 2.37 -15.49 -14.15
CA LEU A 262 1.38 -14.41 -14.27
C LEU A 262 2.01 -13.04 -14.15
N GLU A 263 1.59 -12.13 -15.00
CA GLU A 263 1.85 -10.71 -14.76
C GLU A 263 1.09 -10.35 -13.48
N SER A 264 1.81 -9.95 -12.45
CA SER A 264 1.24 -9.90 -11.10
C SER A 264 1.20 -8.48 -10.51
N ALA A 265 2.31 -8.05 -9.94
CA ALA A 265 2.39 -6.70 -9.38
C ALA A 265 2.66 -5.70 -10.50
N ILE A 266 1.58 -5.11 -11.04
CA ILE A 266 1.67 -4.16 -12.16
C ILE A 266 2.40 -2.90 -11.71
N THR A 267 2.02 -2.40 -10.54
CA THR A 267 2.63 -1.23 -9.92
C THR A 267 3.02 -1.61 -8.50
N THR A 268 4.03 -0.94 -7.96
CA THR A 268 4.49 -1.16 -6.60
C THR A 268 4.63 0.20 -5.91
N ILE A 269 4.33 0.24 -4.62
CA ILE A 269 4.50 1.46 -3.88
C ILE A 269 5.67 1.29 -2.93
N MET A 270 6.75 2.01 -3.21
CA MET A 270 7.93 1.99 -2.36
C MET A 270 7.63 2.98 -1.26
N ASP A 271 7.52 2.47 -0.04
CA ASP A 271 6.86 3.22 1.02
C ASP A 271 7.85 3.84 1.99
N PHE A 272 7.79 5.16 2.13
CA PHE A 272 8.55 5.88 3.16
C PHE A 272 7.72 6.14 4.42
N GLU A 273 6.44 5.76 4.38
CA GLU A 273 5.53 6.15 5.45
C GLU A 273 5.21 5.04 6.46
N ASP A 274 4.00 4.52 6.43
CA ASP A 274 3.54 3.68 7.52
C ASP A 274 4.21 2.31 7.71
N SER A 275 4.92 1.84 6.69
CA SER A 275 5.63 0.57 6.84
C SER A 275 7.12 0.67 7.23
N VAL A 276 7.66 1.88 7.39
CA VAL A 276 9.06 2.02 7.79
C VAL A 276 9.21 2.87 9.05
N ALA A 277 10.33 2.70 9.73
CA ALA A 277 10.68 3.47 10.91
C ALA A 277 11.91 4.32 10.59
N ALA A 278 11.72 5.63 10.46
CA ALA A 278 12.80 6.52 10.09
C ALA A 278 12.61 7.82 10.87
N VAL A 279 13.49 8.04 11.84
CA VAL A 279 13.24 9.10 12.81
C VAL A 279 14.33 10.15 12.79
N ASP A 280 15.30 9.97 11.90
CA ASP A 280 16.39 10.93 11.78
C ASP A 280 17.05 10.84 10.40
N ALA A 281 18.11 11.61 10.20
CA ALA A 281 18.76 11.67 8.90
C ALA A 281 19.38 10.35 8.48
N ALA A 282 19.99 9.64 9.42
CA ALA A 282 20.63 8.38 9.07
C ALA A 282 19.60 7.41 8.51
N ASP A 283 18.46 7.27 9.17
CA ASP A 283 17.35 6.44 8.67
C ASP A 283 16.81 6.90 7.32
N LYS A 284 16.51 8.20 7.17
CA LYS A 284 15.97 8.74 5.93
C LYS A 284 16.90 8.46 4.73
N VAL A 285 18.20 8.52 4.98
CA VAL A 285 19.19 8.34 3.91
C VAL A 285 19.27 6.89 3.45
N LEU A 286 19.15 5.96 4.40
CA LEU A 286 19.02 4.56 4.06
C LEU A 286 17.88 4.38 3.09
N GLY A 287 16.74 5.01 3.39
CA GLY A 287 15.57 4.92 2.55
C GLY A 287 15.78 5.63 1.20
N TYR A 288 16.15 6.89 1.25
CA TYR A 288 16.42 7.65 0.03
C TYR A 288 17.40 6.90 -0.87
N ARG A 289 18.39 6.23 -0.27
CA ARG A 289 19.41 5.53 -1.05
C ARG A 289 18.87 4.29 -1.75
N ASN A 290 17.95 3.59 -1.11
CA ASN A 290 17.25 2.50 -1.78
C ASN A 290 16.38 2.97 -2.94
N TRP A 291 15.63 4.04 -2.71
CA TRP A 291 14.78 4.65 -3.74
C TRP A 291 15.65 5.12 -4.91
N LEU A 292 16.85 5.63 -4.60
CA LEU A 292 17.80 6.02 -5.62
C LEU A 292 18.29 4.80 -6.45
N GLY A 293 18.70 3.73 -5.76
CA GLY A 293 19.14 2.53 -6.43
C GLY A 293 18.06 1.96 -7.33
N LEU A 294 16.81 2.04 -6.87
CA LEU A 294 15.68 1.58 -7.67
C LEU A 294 15.50 2.41 -8.94
N ASN A 295 15.54 3.72 -8.82
CA ASN A 295 15.43 4.57 -10.01
C ASN A 295 16.62 4.52 -10.98
N LYS A 296 17.84 4.31 -10.47
CA LYS A 296 19.00 4.16 -11.34
C LYS A 296 19.12 2.74 -11.86
N GLY A 297 18.33 1.83 -11.29
CA GLY A 297 18.33 0.45 -11.72
C GLY A 297 19.50 -0.38 -11.23
N ASP A 298 20.27 0.15 -10.29
CA ASP A 298 21.47 -0.54 -9.81
C ASP A 298 21.40 -0.99 -8.35
N LEU A 299 20.22 -0.94 -7.74
CA LEU A 299 20.12 -1.40 -6.38
C LEU A 299 20.40 -2.90 -6.38
N ALA A 300 21.26 -3.34 -5.46
CA ALA A 300 21.56 -4.76 -5.31
C ALA A 300 21.76 -5.11 -3.84
N ALA A 301 21.16 -6.24 -3.42
CA ALA A 301 21.23 -6.66 -2.02
C ALA A 301 21.40 -8.17 -1.88
N ARG A 312 18.42 -9.89 -5.11
CA ARG A 312 19.80 -9.55 -5.48
C ARG A 312 19.89 -8.35 -6.39
N VAL A 313 19.39 -8.50 -7.61
CA VAL A 313 19.39 -7.40 -8.60
C VAL A 313 18.01 -7.22 -9.26
N LEU A 314 17.81 -6.07 -9.88
CA LEU A 314 16.61 -5.83 -10.67
C LEU A 314 16.62 -6.62 -11.97
N ASN A 315 15.47 -7.19 -12.31
CA ASN A 315 15.35 -8.03 -13.50
C ASN A 315 15.39 -7.22 -14.79
N ARG A 316 15.83 -7.87 -15.87
CA ARG A 316 15.80 -7.24 -17.18
C ARG A 316 14.41 -7.40 -17.78
N ASP A 317 14.11 -6.65 -18.83
CA ASP A 317 12.83 -6.84 -19.52
C ASP A 317 12.80 -8.21 -20.17
N ARG A 318 11.60 -8.66 -20.54
CA ARG A 318 11.41 -9.99 -21.10
C ARG A 318 11.27 -9.94 -22.62
N ASN A 319 12.00 -10.81 -23.32
CA ASN A 319 11.98 -10.82 -24.79
C ASN A 319 10.97 -11.81 -25.37
N TYR A 320 10.23 -11.36 -26.40
CA TYR A 320 9.25 -12.23 -27.07
C TYR A 320 9.25 -12.09 -28.57
N THR A 321 8.71 -13.11 -29.24
CA THR A 321 8.41 -13.03 -30.66
C THR A 321 6.91 -12.84 -30.82
N ALA A 322 6.52 -11.76 -31.49
CA ALA A 322 5.11 -11.49 -31.79
C ALA A 322 4.53 -12.62 -32.62
N PRO A 323 3.20 -12.84 -32.55
CA PRO A 323 2.62 -13.95 -33.31
C PRO A 323 2.90 -13.81 -34.80
N GLY A 324 2.77 -12.58 -35.31
CA GLY A 324 3.04 -12.27 -36.70
C GLY A 324 4.53 -12.37 -37.07
N GLY A 325 5.41 -12.22 -36.08
CA GLY A 325 6.81 -12.44 -36.34
C GLY A 325 7.85 -11.57 -35.66
N GLY A 326 7.61 -10.26 -35.55
CA GLY A 326 8.61 -9.37 -34.97
C GLY A 326 9.08 -9.65 -33.53
N GLN A 327 10.22 -9.07 -33.16
CA GLN A 327 10.71 -9.17 -31.79
C GLN A 327 10.15 -8.02 -30.95
N PHE A 328 9.80 -8.32 -29.71
CA PHE A 328 9.42 -7.24 -28.82
C PHE A 328 9.75 -7.54 -27.38
N THR A 329 9.53 -6.55 -26.53
CA THR A 329 9.97 -6.61 -25.16
C THR A 329 8.81 -6.21 -24.26
N LEU A 330 8.71 -6.85 -23.10
CA LEU A 330 7.80 -6.40 -22.06
C LEU A 330 8.62 -6.06 -20.82
N PRO A 331 8.13 -5.10 -20.03
CA PRO A 331 8.76 -4.62 -18.79
C PRO A 331 8.97 -5.77 -17.83
N GLY A 332 10.19 -5.91 -17.29
CA GLY A 332 10.45 -6.95 -16.31
C GLY A 332 10.20 -6.48 -14.89
N ARG A 333 9.89 -5.20 -14.76
CA ARG A 333 9.71 -4.58 -13.45
C ARG A 333 8.36 -3.91 -13.29
N SER A 334 7.91 -3.85 -12.05
CA SER A 334 6.70 -3.15 -11.70
C SER A 334 6.90 -1.65 -11.84
N LEU A 335 5.88 -0.93 -12.31
CA LEU A 335 5.91 0.53 -12.32
C LEU A 335 5.89 1.06 -10.90
N MET A 336 6.88 1.88 -10.55
CA MET A 336 7.07 2.31 -9.17
C MET A 336 6.46 3.64 -8.78
N PHE A 337 5.74 3.61 -7.67
CA PHE A 337 5.22 4.79 -7.01
C PHE A 337 6.12 4.96 -5.80
N VAL A 338 6.13 6.14 -5.22
CA VAL A 338 6.75 6.31 -3.91
C VAL A 338 5.73 6.94 -2.97
N ARG A 339 5.57 6.38 -1.78
CA ARG A 339 4.68 7.00 -0.80
C ARG A 339 5.48 7.90 0.13
N ASN A 340 5.30 9.21 -0.02
CA ASN A 340 5.90 10.20 0.88
C ASN A 340 5.17 10.13 2.19
N VAL A 341 5.72 10.71 3.26
CA VAL A 341 4.95 10.89 4.48
C VAL A 341 3.99 12.07 4.26
N GLY A 342 2.95 12.16 5.11
CA GLY A 342 1.94 13.21 5.05
C GLY A 342 2.32 14.50 5.74
N HIS A 343 1.34 15.38 5.95
CA HIS A 343 1.60 16.77 6.37
C HIS A 343 2.01 16.98 7.85
N LEU A 344 1.86 15.96 8.69
CA LEU A 344 2.03 16.16 10.14
C LEU A 344 3.46 16.27 10.70
N MET A 345 4.30 15.27 10.46
CA MET A 345 5.53 15.17 11.24
C MET A 345 6.66 16.09 10.78
N THR A 346 7.56 16.37 11.72
CA THR A 346 8.83 17.04 11.40
C THR A 346 9.92 16.00 11.60
N ASN A 347 11.17 16.38 11.35
CA ASN A 347 12.28 15.44 11.43
C ASN A 347 13.56 16.27 11.50
N ASP A 348 14.42 15.95 12.46
CA ASP A 348 15.57 16.79 12.73
C ASP A 348 16.67 16.61 11.69
N ALA A 349 16.37 15.87 10.63
CA ALA A 349 17.28 15.75 9.49
C ALA A 349 17.67 17.14 9.01
N ILE A 350 16.73 18.07 9.17
CA ILE A 350 17.00 19.45 8.90
C ILE A 350 16.34 20.24 10.01
N VAL A 351 17.06 21.18 10.59
CA VAL A 351 16.48 22.09 11.58
C VAL A 351 16.73 23.51 11.13
N ASP A 352 15.96 24.46 11.65
CA ASP A 352 16.21 25.83 11.28
C ASP A 352 17.14 26.49 12.29
N THR A 353 17.43 27.77 12.11
CA THR A 353 18.39 28.45 12.97
C THR A 353 17.94 28.48 14.44
N ASP A 354 16.63 28.48 14.67
CA ASP A 354 16.11 28.39 16.03
C ASP A 354 16.19 26.97 16.62
N GLY A 355 16.56 25.99 15.80
CA GLY A 355 16.59 24.59 16.24
C GLY A 355 15.29 23.84 16.01
N SER A 356 14.33 24.49 15.34
CA SER A 356 13.06 23.85 14.97
C SER A 356 13.22 22.85 13.82
N GLU A 357 12.61 21.68 13.98
CA GLU A 357 12.65 20.65 12.96
C GLU A 357 11.81 21.04 11.74
N VAL A 358 12.26 20.63 10.57
CA VAL A 358 11.56 20.93 9.33
C VAL A 358 10.50 19.87 9.04
N PHE A 359 9.38 20.29 8.44
CA PHE A 359 8.35 19.32 8.02
C PHE A 359 8.90 18.24 7.08
N GLU A 360 8.64 16.99 7.45
CA GLU A 360 9.16 15.82 6.74
C GLU A 360 8.48 15.63 5.38
N GLY A 361 7.20 15.94 5.29
CA GLY A 361 6.51 15.89 4.01
C GLY A 361 7.11 16.81 2.95
N ILE A 362 7.50 18.01 3.35
CA ILE A 362 8.15 18.96 2.45
C ILE A 362 9.51 18.40 1.99
N MET A 363 10.26 17.86 2.93
CA MET A 363 11.53 17.22 2.59
C MET A 363 11.31 16.06 1.64
N ASP A 364 10.35 15.20 1.93
CA ASP A 364 10.14 14.01 1.09
C ASP A 364 9.88 14.41 -0.37
N ALA A 365 9.09 15.46 -0.57
CA ALA A 365 8.76 15.91 -1.92
C ALA A 365 10.03 16.33 -2.66
N LEU A 366 10.86 17.12 -1.99
CA LEU A 366 12.10 17.57 -2.59
C LEU A 366 13.03 16.40 -2.88
N PHE A 367 13.22 15.51 -1.92
CA PHE A 367 14.24 14.47 -2.07
C PHE A 367 13.78 13.24 -2.86
N THR A 368 12.56 12.74 -2.63
CA THR A 368 12.08 11.63 -3.46
C THR A 368 11.79 12.11 -4.89
N GLY A 369 11.42 13.37 -5.04
CA GLY A 369 11.24 13.96 -6.35
C GLY A 369 12.55 14.11 -7.10
N LEU A 370 13.56 14.67 -6.45
CA LEU A 370 14.90 14.73 -7.03
C LEU A 370 15.32 13.34 -7.52
N ILE A 371 15.25 12.36 -6.62
CA ILE A 371 15.71 11.02 -6.90
C ILE A 371 14.95 10.34 -8.05
N ALA A 372 13.64 10.56 -8.10
CA ALA A 372 12.80 9.96 -9.14
C ALA A 372 13.15 10.42 -10.57
N ILE A 373 13.89 11.52 -10.70
CA ILE A 373 14.38 11.98 -12.01
C ILE A 373 15.23 10.90 -12.69
N HIS A 374 15.97 10.15 -11.87
CA HIS A 374 16.78 9.07 -12.41
C HIS A 374 15.94 7.97 -13.08
N GLY A 375 14.73 7.76 -12.58
CA GLY A 375 13.83 6.78 -13.16
C GLY A 375 13.16 7.26 -14.44
N LEU A 376 13.45 8.51 -14.83
CA LEU A 376 12.97 9.03 -16.11
C LEU A 376 14.02 8.90 -17.20
N LYS A 377 15.20 8.43 -16.83
CA LYS A 377 16.29 8.23 -17.78
C LYS A 377 16.74 6.80 -17.74
N ALA A 378 17.44 6.37 -18.78
CA ALA A 378 17.83 4.98 -18.93
C ALA A 378 18.98 4.61 -18.00
N SER A 379 18.86 3.45 -17.36
CA SER A 379 19.90 2.93 -16.47
C SER A 379 20.92 2.05 -17.19
N ASP A 380 22.17 2.11 -16.76
CA ASP A 380 23.23 1.23 -17.28
C ASP A 380 23.49 0.05 -16.35
N LEU A 385 14.28 -0.40 -18.41
CA LEU A 385 15.24 0.51 -17.78
C LEU A 385 14.63 1.84 -17.30
N ILE A 386 13.50 2.23 -17.87
CA ILE A 386 12.90 3.52 -17.49
C ILE A 386 11.54 3.40 -16.76
N ASN A 387 11.51 3.81 -15.50
CA ASN A 387 10.29 3.68 -14.69
C ASN A 387 9.06 4.21 -15.40
N SER A 388 9.04 5.51 -15.68
CA SER A 388 7.92 6.11 -16.40
C SER A 388 8.32 6.50 -17.82
N ARG A 389 7.76 5.83 -18.80
CA ARG A 389 8.13 6.14 -20.16
C ARG A 389 7.45 7.43 -20.61
N THR A 390 6.35 7.78 -19.96
CA THR A 390 5.56 8.94 -20.34
C THR A 390 5.97 10.22 -19.62
N GLY A 391 6.96 10.12 -18.74
CA GLY A 391 7.55 11.29 -18.13
C GLY A 391 6.91 11.81 -16.84
N SER A 392 6.28 10.92 -16.06
CA SER A 392 5.66 11.31 -14.81
C SER A 392 6.43 10.77 -13.60
N ILE A 393 6.34 11.50 -12.50
CA ILE A 393 6.80 11.00 -11.22
C ILE A 393 5.56 10.76 -10.37
N TYR A 394 5.46 9.57 -9.80
CA TYR A 394 4.23 9.17 -9.10
C TYR A 394 4.41 9.09 -7.59
N ILE A 395 3.74 10.00 -6.91
CA ILE A 395 3.88 10.14 -5.48
C ILE A 395 2.54 9.94 -4.84
N VAL A 396 2.48 9.00 -3.91
CA VAL A 396 1.31 8.79 -3.08
C VAL A 396 1.46 9.73 -1.89
N LYS A 397 0.42 10.53 -1.69
CA LYS A 397 0.39 11.43 -0.54
C LYS A 397 -0.69 10.91 0.42
N PRO A 398 -0.27 10.45 1.61
CA PRO A 398 -1.20 9.88 2.59
C PRO A 398 -1.72 10.90 3.61
N LYS A 399 -2.80 10.53 4.29
CA LYS A 399 -3.26 11.24 5.48
C LYS A 399 -3.62 12.71 5.31
N MET A 400 -4.14 13.07 4.14
CA MET A 400 -4.63 14.42 3.93
C MET A 400 -6.07 14.52 4.42
N HIS A 401 -6.40 15.68 4.98
CA HIS A 401 -7.72 15.94 5.51
C HIS A 401 -8.36 17.04 4.70
N GLY A 402 -9.18 16.68 3.71
CA GLY A 402 -9.93 17.67 2.96
C GLY A 402 -9.18 18.40 1.85
N PRO A 403 -9.92 19.16 1.01
CA PRO A 403 -9.37 19.72 -0.24
C PRO A 403 -8.35 20.86 -0.07
N ALA A 404 -8.37 21.62 1.02
CA ALA A 404 -7.30 22.61 1.22
C ALA A 404 -5.94 21.94 1.40
N GLU A 405 -5.93 20.76 2.03
CA GLU A 405 -4.69 20.01 2.24
C GLU A 405 -4.20 19.38 0.93
N VAL A 406 -5.14 18.98 0.08
CA VAL A 406 -4.80 18.55 -1.27
C VAL A 406 -4.22 19.69 -2.11
N ALA A 407 -4.81 20.88 -2.03
CA ALA A 407 -4.31 22.02 -2.79
C ALA A 407 -2.90 22.37 -2.33
N PHE A 408 -2.66 22.23 -1.03
CA PHE A 408 -1.34 22.52 -0.51
C PHE A 408 -0.29 21.60 -1.13
N THR A 409 -0.61 20.31 -1.26
CA THR A 409 0.33 19.34 -1.81
C THR A 409 0.59 19.65 -3.27
N CYS A 410 -0.46 20.07 -3.97
CA CYS A 410 -0.30 20.48 -5.35
C CYS A 410 0.68 21.65 -5.45
N GLU A 411 0.57 22.60 -4.53
CA GLU A 411 1.42 23.78 -4.56
C GLU A 411 2.84 23.41 -4.19
N LEU A 412 2.99 22.47 -3.26
CA LEU A 412 4.29 21.93 -2.87
C LEU A 412 5.00 21.25 -4.03
N PHE A 413 4.27 20.38 -4.75
CA PHE A 413 4.82 19.71 -5.94
C PHE A 413 5.21 20.72 -7.02
N SER A 414 4.40 21.76 -7.17
CA SER A 414 4.63 22.81 -8.17
C SER A 414 5.95 23.55 -7.91
N ARG A 415 6.22 23.83 -6.64
CA ARG A 415 7.41 24.56 -6.25
C ARG A 415 8.63 23.65 -6.31
N VAL A 416 8.45 22.38 -5.93
CA VAL A 416 9.51 21.39 -6.09
C VAL A 416 9.86 21.25 -7.58
N GLU A 417 8.85 21.22 -8.44
CA GLU A 417 9.10 21.09 -9.89
C GLU A 417 9.97 22.24 -10.39
N ASP A 418 9.67 23.44 -9.90
CA ASP A 418 10.42 24.63 -10.26
C ASP A 418 11.88 24.51 -9.80
N VAL A 419 12.10 24.00 -8.58
CA VAL A 419 13.45 23.83 -8.05
C VAL A 419 14.23 22.78 -8.85
N LEU A 420 13.57 21.70 -9.24
CA LEU A 420 14.19 20.61 -9.97
C LEU A 420 14.29 20.92 -11.47
N GLY A 421 13.69 22.01 -11.91
CA GLY A 421 13.64 22.32 -13.33
C GLY A 421 12.85 21.30 -14.14
N LEU A 422 11.86 20.68 -13.52
CA LEU A 422 10.95 19.79 -14.22
C LEU A 422 9.75 20.56 -14.75
N PRO A 423 9.17 20.11 -15.87
CA PRO A 423 7.90 20.67 -16.35
C PRO A 423 6.88 20.66 -15.23
N GLN A 424 5.99 21.65 -15.20
CA GLN A 424 4.88 21.62 -14.24
C GLN A 424 4.00 20.38 -14.47
N ASN A 425 3.51 19.79 -13.39
CA ASN A 425 2.67 18.58 -13.42
C ASN A 425 3.38 17.26 -13.79
N THR A 426 4.71 17.23 -13.68
CA THR A 426 5.46 15.98 -13.79
C THR A 426 5.14 15.12 -12.56
N MET A 427 5.09 15.76 -11.41
CA MET A 427 4.84 15.07 -10.16
C MET A 427 3.34 14.79 -9.96
N LYS A 428 2.97 13.55 -10.21
CA LYS A 428 1.59 13.11 -10.12
C LYS A 428 1.29 12.66 -8.69
N ILE A 429 0.03 12.74 -8.28
CA ILE A 429 -0.30 12.36 -6.91
C ILE A 429 -1.30 11.19 -6.82
N GLY A 430 -0.98 10.21 -5.99
CA GLY A 430 -1.94 9.19 -5.63
C GLY A 430 -2.59 9.59 -4.32
N ILE A 431 -3.89 9.81 -4.34
CA ILE A 431 -4.59 10.31 -3.16
C ILE A 431 -5.12 9.17 -2.31
N MET A 432 -4.59 9.06 -1.09
CA MET A 432 -5.19 8.18 -0.10
C MET A 432 -6.45 8.85 0.42
N ASP A 433 -7.57 8.15 0.29
CA ASP A 433 -8.80 8.51 0.95
C ASP A 433 -8.83 7.69 2.23
N GLU A 434 -8.25 8.23 3.29
CA GLU A 434 -8.07 7.51 4.55
C GLU A 434 -8.25 8.41 5.77
N GLU A 435 -8.92 9.54 5.58
CA GLU A 435 -9.32 10.42 6.67
C GLU A 435 -10.75 10.90 6.41
N ARG A 436 -11.55 10.98 7.46
CA ARG A 436 -12.96 11.31 7.33
C ARG A 436 -13.23 12.59 6.54
N ARG A 437 -12.45 13.62 6.81
CA ARG A 437 -12.70 14.92 6.17
C ARG A 437 -12.34 14.91 4.69
N THR A 438 -11.59 13.91 4.25
CA THR A 438 -11.39 13.71 2.83
C THR A 438 -12.57 12.92 2.26
N THR A 439 -12.96 11.86 2.96
CA THR A 439 -14.09 11.04 2.52
C THR A 439 -15.32 11.91 2.20
N VAL A 440 -15.73 12.77 3.13
CA VAL A 440 -16.98 13.52 2.94
C VAL A 440 -16.84 14.69 1.94
N ASN A 441 -15.61 15.07 1.64
CA ASN A 441 -15.36 16.11 0.66
C ASN A 441 -14.59 15.54 -0.54
N LEU A 442 -14.84 14.28 -0.86
CA LEU A 442 -13.96 13.56 -1.79
C LEU A 442 -13.92 14.17 -3.20
N LYS A 443 -15.08 14.50 -3.73
CA LYS A 443 -15.15 15.15 -5.05
C LYS A 443 -14.31 16.41 -5.11
N ALA A 444 -14.45 17.28 -4.12
CA ALA A 444 -13.64 18.50 -4.05
C ALA A 444 -12.12 18.25 -3.88
N CYS A 445 -11.77 17.14 -3.23
CA CYS A 445 -10.35 16.76 -3.13
C CYS A 445 -9.77 16.38 -4.48
N ILE A 446 -10.52 15.59 -5.24
CA ILE A 446 -10.07 15.18 -6.57
C ILE A 446 -9.98 16.41 -7.47
N LYS A 447 -10.92 17.32 -7.30
CA LYS A 447 -10.95 18.54 -8.08
C LYS A 447 -9.71 19.41 -7.81
N ALA A 448 -9.29 19.46 -6.56
CA ALA A 448 -8.15 20.29 -6.19
C ALA A 448 -6.89 19.78 -6.89
N ALA A 449 -6.90 18.51 -7.26
CA ALA A 449 -5.74 17.90 -7.89
C ALA A 449 -6.14 17.38 -9.26
N ALA A 450 -7.08 18.05 -9.92
CA ALA A 450 -7.65 17.54 -11.16
C ALA A 450 -6.63 17.26 -12.24
N ASP A 451 -5.53 18.01 -12.23
CA ASP A 451 -4.51 17.83 -13.26
C ASP A 451 -3.28 17.11 -12.76
N ARG A 452 -3.33 16.59 -11.54
CA ARG A 452 -2.23 15.78 -11.00
C ARG A 452 -2.64 14.35 -10.62
N VAL A 453 -3.91 14.13 -10.34
CA VAL A 453 -4.32 12.85 -9.76
C VAL A 453 -4.15 11.64 -10.68
N VAL A 454 -3.52 10.59 -10.16
CA VAL A 454 -3.38 9.33 -10.88
C VAL A 454 -4.03 8.17 -10.13
N PHE A 455 -4.35 8.38 -8.85
CA PHE A 455 -5.27 7.45 -8.21
C PHE A 455 -5.98 8.02 -6.98
N ILE A 456 -7.12 7.44 -6.65
CA ILE A 456 -7.67 7.53 -5.32
C ILE A 456 -7.67 6.12 -4.77
N ASN A 457 -7.51 5.98 -3.46
CA ASN A 457 -7.44 4.66 -2.86
C ASN A 457 -7.97 4.69 -1.44
N THR A 458 -8.82 3.72 -1.11
CA THR A 458 -9.40 3.64 0.22
C THR A 458 -8.43 3.00 1.21
N GLY A 459 -7.65 3.83 1.90
CA GLY A 459 -6.81 3.31 2.97
C GLY A 459 -7.70 3.10 4.17
N PHE A 460 -8.41 1.97 4.16
CA PHE A 460 -9.46 1.68 5.13
C PHE A 460 -8.99 1.51 6.59
N LEU A 461 -7.73 1.19 6.78
CA LEU A 461 -7.22 1.02 8.14
C LEU A 461 -7.00 2.39 8.82
N ASP A 462 -6.32 3.31 8.14
CA ASP A 462 -6.17 4.65 8.70
C ASP A 462 -7.54 5.27 8.85
N ARG A 463 -8.40 5.01 7.88
CA ARG A 463 -9.73 5.61 7.90
C ARG A 463 -10.54 5.18 9.13
N THR A 464 -10.43 3.91 9.50
CA THR A 464 -11.02 3.40 10.73
C THR A 464 -10.44 4.13 11.95
N GLY A 465 -9.13 4.34 11.94
CA GLY A 465 -8.47 5.06 13.01
C GLY A 465 -9.05 6.45 13.16
N ASP A 466 -9.14 7.17 12.03
CA ASP A 466 -9.72 8.50 12.05
C ASP A 466 -11.19 8.49 12.48
N GLU A 467 -11.93 7.46 12.08
CA GLU A 467 -13.35 7.32 12.45
C GLU A 467 -13.49 7.26 13.98
N ILE A 468 -12.68 6.41 14.61
CA ILE A 468 -12.65 6.30 16.06
C ILE A 468 -12.25 7.62 16.74
N HIS A 469 -11.11 8.17 16.34
CA HIS A 469 -10.64 9.40 16.94
C HIS A 469 -11.59 10.60 16.77
N THR A 470 -12.11 10.79 15.56
CA THR A 470 -12.99 11.94 15.30
C THR A 470 -14.21 11.92 16.23
N SER A 471 -14.79 10.75 16.41
CA SER A 471 -15.96 10.60 17.25
C SER A 471 -15.64 10.03 18.62
N MET A 472 -14.39 10.21 19.04
CA MET A 472 -13.94 9.69 20.34
C MET A 472 -14.90 10.02 21.49
N GLU A 473 -15.39 11.26 21.54
CA GLU A 473 -16.23 11.71 22.64
C GLU A 473 -17.71 11.28 22.51
N ALA A 474 -18.10 10.72 21.37
CA ALA A 474 -19.50 10.30 21.14
C ALA A 474 -19.96 9.13 22.00
N GLY A 475 -19.07 8.18 22.24
CA GLY A 475 -19.42 6.99 23.00
C GLY A 475 -18.46 5.85 22.70
N PRO A 476 -18.72 4.67 23.28
CA PRO A 476 -17.89 3.48 23.05
C PRO A 476 -18.09 2.91 21.64
N MET A 477 -17.01 2.65 20.92
CA MET A 477 -17.10 2.13 19.55
C MET A 477 -17.29 0.62 19.57
N VAL A 478 -17.78 0.07 18.45
CA VAL A 478 -17.81 -1.37 18.28
C VAL A 478 -16.40 -1.96 18.25
N ARG A 479 -16.31 -3.27 18.44
CA ARG A 479 -15.02 -3.97 18.39
C ARG A 479 -14.33 -3.83 17.04
N LYS A 480 -13.00 -3.89 17.10
CA LYS A 480 -12.15 -3.68 15.94
C LYS A 480 -12.56 -4.51 14.72
N GLY A 481 -12.86 -5.79 14.95
CA GLY A 481 -13.31 -6.67 13.89
C GLY A 481 -14.65 -6.26 13.30
N THR A 482 -15.51 -5.71 14.14
CA THR A 482 -16.85 -5.29 13.74
C THR A 482 -16.78 -4.10 12.79
N MET A 483 -15.72 -3.29 12.92
CA MET A 483 -15.54 -2.09 12.10
C MET A 483 -15.57 -2.38 10.62
N LYS A 484 -14.99 -3.51 10.24
CA LYS A 484 -14.86 -3.88 8.83
C LYS A 484 -16.21 -4.02 8.12
N SER A 485 -17.28 -4.22 8.88
CA SER A 485 -18.60 -4.42 8.27
C SER A 485 -19.63 -3.34 8.63
N GLN A 486 -19.18 -2.22 9.19
CA GLN A 486 -20.11 -1.19 9.62
C GLN A 486 -20.59 -0.40 8.41
N PRO A 487 -21.79 0.17 8.52
CA PRO A 487 -22.38 1.04 7.49
C PRO A 487 -21.43 2.15 7.00
N TRP A 488 -20.80 2.89 7.90
CA TRP A 488 -19.93 3.98 7.46
C TRP A 488 -18.87 3.49 6.47
N ILE A 489 -18.30 2.31 6.73
CA ILE A 489 -17.19 1.83 5.93
C ILE A 489 -17.66 1.28 4.59
N LEU A 490 -18.83 0.66 4.57
CA LEU A 490 -19.36 0.12 3.34
C LEU A 490 -19.72 1.27 2.39
N ALA A 491 -20.27 2.34 2.95
CA ALA A 491 -20.61 3.53 2.19
C ALA A 491 -19.36 4.27 1.74
N TYR A 492 -18.38 4.33 2.63
CA TYR A 492 -17.09 4.94 2.30
C TYR A 492 -16.45 4.26 1.08
N GLU A 493 -16.46 2.92 1.04
CA GLU A 493 -15.93 2.17 -0.12
C GLU A 493 -16.68 2.47 -1.42
N ASP A 494 -18.02 2.49 -1.37
CA ASP A 494 -18.82 2.71 -2.57
C ASP A 494 -18.72 4.14 -3.08
N HIS A 495 -18.71 5.07 -2.13
CA HIS A 495 -18.61 6.49 -2.42
C HIS A 495 -17.29 6.83 -3.10
N ASN A 496 -16.24 6.15 -2.67
CA ASN A 496 -14.94 6.36 -3.27
C ASN A 496 -14.95 5.96 -4.75
N VAL A 497 -15.46 4.76 -5.05
CA VAL A 497 -15.60 4.31 -6.43
C VAL A 497 -16.52 5.25 -7.24
N ASP A 498 -17.64 5.68 -6.65
CA ASP A 498 -18.58 6.57 -7.31
C ASP A 498 -17.92 7.88 -7.74
N ALA A 499 -17.22 8.50 -6.80
CA ALA A 499 -16.49 9.75 -7.02
C ALA A 499 -15.43 9.63 -8.12
N GLY A 500 -14.66 8.55 -8.10
CA GLY A 500 -13.64 8.33 -9.11
C GLY A 500 -14.23 8.19 -10.50
N LEU A 501 -15.24 7.33 -10.62
CA LEU A 501 -15.90 7.11 -11.90
C LEU A 501 -16.53 8.39 -12.43
N ALA A 502 -17.20 9.15 -11.55
CA ALA A 502 -17.89 10.36 -11.98
C ALA A 502 -16.93 11.48 -12.43
N ALA A 503 -15.67 11.40 -11.99
CA ALA A 503 -14.65 12.36 -12.40
C ALA A 503 -13.87 11.86 -13.63
N GLY A 504 -14.36 10.77 -14.23
CA GLY A 504 -13.76 10.21 -15.43
C GLY A 504 -12.49 9.38 -15.22
N PHE A 505 -12.37 8.71 -14.07
CA PHE A 505 -11.18 7.91 -13.80
C PHE A 505 -10.96 6.75 -14.80
N SER A 506 -12.06 6.14 -15.24
CA SER A 506 -12.00 5.03 -16.19
CA SER A 506 -12.02 5.05 -16.23
C SER A 506 -11.18 5.43 -17.43
N GLY A 507 -10.11 4.69 -17.68
CA GLY A 507 -9.22 5.00 -18.77
C GLY A 507 -8.22 6.11 -18.46
N ARG A 508 -8.23 6.60 -17.24
CA ARG A 508 -7.40 7.77 -16.91
C ARG A 508 -6.60 7.64 -15.61
N ALA A 509 -7.21 7.03 -14.60
CA ALA A 509 -6.60 6.94 -13.29
C ALA A 509 -7.07 5.69 -12.55
N GLN A 510 -6.29 5.26 -11.55
CA GLN A 510 -6.67 4.09 -10.75
C GLN A 510 -7.73 4.44 -9.71
N VAL A 511 -8.70 3.54 -9.57
CA VAL A 511 -9.59 3.54 -8.41
C VAL A 511 -9.11 2.33 -7.59
N GLY A 512 -8.60 2.57 -6.40
CA GLY A 512 -7.95 1.50 -5.67
C GLY A 512 -8.58 1.22 -4.34
N LYS A 513 -8.39 -0.01 -3.86
CA LYS A 513 -8.84 -0.42 -2.54
C LYS A 513 -7.69 -1.03 -1.74
N GLY A 514 -7.99 -1.43 -0.51
CA GLY A 514 -6.96 -1.61 0.49
C GLY A 514 -6.30 -2.96 0.68
N MET A 515 -5.52 -3.04 1.74
CA MET A 515 -4.55 -4.10 1.95
C MET A 515 -5.16 -5.35 2.55
N TRP A 516 -4.73 -6.51 2.07
CA TRP A 516 -5.03 -7.78 2.71
C TRP A 516 -3.90 -8.07 3.69
N THR A 517 -4.22 -8.23 4.96
CA THR A 517 -3.17 -8.27 5.98
C THR A 517 -2.83 -9.67 6.45
N MET A 518 -3.72 -10.62 6.22
CA MET A 518 -3.49 -11.99 6.67
C MET A 518 -2.58 -12.78 5.72
N THR A 519 -1.28 -12.59 5.91
CA THR A 519 -0.25 -13.01 4.97
C THR A 519 -0.20 -14.51 4.64
N GLU A 520 -0.69 -15.35 5.56
CA GLU A 520 -0.63 -16.79 5.35
C GLU A 520 -1.98 -17.38 4.95
N LEU A 521 -3.04 -16.57 5.01
CA LEU A 521 -4.38 -17.04 4.67
C LEU A 521 -4.72 -16.74 3.20
N MET A 522 -3.98 -17.38 2.31
CA MET A 522 -4.11 -17.14 0.88
C MET A 522 -5.39 -17.74 0.26
N ALA A 523 -5.80 -18.90 0.76
CA ALA A 523 -7.05 -19.49 0.31
C ALA A 523 -8.17 -18.51 0.61
N ASP A 524 -8.20 -17.95 1.83
CA ASP A 524 -9.21 -16.94 2.13
C ASP A 524 -9.09 -15.69 1.24
N MET A 525 -7.87 -15.25 0.95
CA MET A 525 -7.69 -14.07 0.11
C MET A 525 -8.26 -14.32 -1.29
N VAL A 526 -7.95 -15.48 -1.85
CA VAL A 526 -8.41 -15.84 -3.18
C VAL A 526 -9.94 -15.95 -3.23
N GLU A 527 -10.52 -16.49 -2.17
CA GLU A 527 -11.96 -16.57 -2.09
C GLU A 527 -12.58 -15.18 -1.90
N THR A 528 -11.94 -14.34 -1.11
CA THR A 528 -12.59 -13.14 -0.60
C THR A 528 -12.29 -11.84 -1.37
N LYS A 529 -11.01 -11.61 -1.67
CA LYS A 529 -10.56 -10.33 -2.20
C LYS A 529 -11.09 -10.03 -3.60
N ILE A 530 -11.68 -11.04 -4.24
CA ILE A 530 -12.32 -10.85 -5.55
C ILE A 530 -13.41 -9.78 -5.47
N ALA A 531 -13.93 -9.55 -4.27
CA ALA A 531 -14.96 -8.54 -4.05
C ALA A 531 -14.49 -7.15 -4.50
N GLN A 532 -13.19 -6.88 -4.41
CA GLN A 532 -12.67 -5.54 -4.72
C GLN A 532 -12.80 -5.17 -6.21
N PRO A 533 -12.20 -5.96 -7.12
CA PRO A 533 -12.46 -5.66 -8.54
C PRO A 533 -13.94 -5.81 -8.90
N ARG A 534 -14.66 -6.72 -8.26
CA ARG A 534 -16.09 -6.80 -8.52
C ARG A 534 -16.79 -5.50 -8.17
N ALA A 535 -16.20 -4.73 -7.23
CA ALA A 535 -16.74 -3.44 -6.85
C ALA A 535 -16.27 -2.34 -7.81
N GLY A 536 -15.52 -2.70 -8.85
CA GLY A 536 -15.01 -1.73 -9.79
C GLY A 536 -13.67 -1.07 -9.45
N ALA A 537 -12.94 -1.64 -8.50
CA ALA A 537 -11.57 -1.18 -8.22
C ALA A 537 -10.62 -1.70 -9.31
N SER A 538 -9.87 -0.80 -9.94
CA SER A 538 -8.94 -1.25 -10.96
C SER A 538 -7.65 -1.74 -10.35
N THR A 539 -7.50 -1.55 -9.05
CA THR A 539 -6.38 -2.10 -8.33
C THR A 539 -6.67 -2.23 -6.83
N ALA A 540 -5.86 -3.03 -6.14
CA ALA A 540 -5.99 -3.24 -4.71
C ALA A 540 -4.69 -3.73 -4.10
N TRP A 541 -4.48 -3.44 -2.82
CA TRP A 541 -3.19 -3.70 -2.17
C TRP A 541 -2.94 -5.14 -1.68
N VAL A 542 -1.73 -5.61 -1.96
CA VAL A 542 -1.24 -6.89 -1.48
C VAL A 542 0.07 -6.64 -0.75
N PRO A 543 0.40 -7.51 0.22
CA PRO A 543 1.60 -7.32 1.03
C PRO A 543 2.82 -8.09 0.53
N SER A 544 2.68 -8.94 -0.46
CA SER A 544 3.83 -9.74 -0.93
C SER A 544 3.74 -10.10 -2.42
N PRO A 545 4.88 -10.40 -3.05
CA PRO A 545 4.88 -10.91 -4.43
C PRO A 545 3.93 -12.11 -4.58
N THR A 546 3.99 -13.07 -3.66
CA THR A 546 3.11 -14.24 -3.71
C THR A 546 1.65 -13.83 -3.76
N ALA A 547 1.26 -12.95 -2.85
CA ALA A 547 -0.12 -12.49 -2.80
C ALA A 547 -0.52 -11.65 -4.02
N ALA A 548 0.44 -10.96 -4.62
CA ALA A 548 0.18 -10.28 -5.90
C ALA A 548 -0.16 -11.27 -7.04
N THR A 549 0.56 -12.38 -7.12
CA THR A 549 0.32 -13.37 -8.15
C THR A 549 -1.07 -13.99 -7.95
N LEU A 550 -1.43 -14.24 -6.69
CA LEU A 550 -2.72 -14.85 -6.38
C LEU A 550 -3.88 -13.89 -6.57
N HIS A 551 -3.68 -12.63 -6.23
CA HIS A 551 -4.73 -11.62 -6.41
C HIS A 551 -4.93 -11.30 -7.90
N ALA A 552 -3.89 -11.50 -8.71
CA ALA A 552 -4.00 -11.33 -10.16
C ALA A 552 -5.08 -12.25 -10.79
N LEU A 553 -5.17 -13.49 -10.32
CA LEU A 553 -6.29 -14.37 -10.65
C LEU A 553 -7.65 -13.66 -10.68
N HIS A 554 -7.87 -12.72 -9.76
CA HIS A 554 -9.17 -12.06 -9.66
C HIS A 554 -9.46 -11.17 -10.85
N TYR A 555 -8.39 -10.60 -11.42
CA TYR A 555 -8.48 -9.68 -12.56
C TYR A 555 -8.72 -10.42 -13.88
N HIS A 556 -8.37 -11.70 -13.92
CA HIS A 556 -8.73 -12.51 -15.07
C HIS A 556 -10.18 -12.98 -15.01
N GLN A 557 -10.74 -13.03 -13.81
CA GLN A 557 -12.12 -13.49 -13.62
C GLN A 557 -13.10 -12.35 -13.78
N VAL A 558 -12.70 -11.14 -13.36
CA VAL A 558 -13.57 -9.99 -13.38
C VAL A 558 -13.06 -9.00 -14.42
N ASP A 559 -13.94 -8.60 -15.32
CA ASP A 559 -13.60 -7.57 -16.30
C ASP A 559 -13.84 -6.20 -15.69
N VAL A 560 -12.83 -5.67 -15.00
CA VAL A 560 -12.99 -4.41 -14.27
C VAL A 560 -13.43 -3.23 -15.16
N ALA A 561 -12.90 -3.11 -16.37
CA ALA A 561 -13.35 -2.07 -17.29
C ALA A 561 -14.88 -2.10 -17.47
N ALA A 562 -15.40 -3.28 -17.79
CA ALA A 562 -16.84 -3.46 -17.92
C ALA A 562 -17.61 -3.23 -16.60
N VAL A 563 -17.08 -3.72 -15.48
CA VAL A 563 -17.74 -3.39 -14.20
C VAL A 563 -17.87 -1.87 -14.01
N GLN A 564 -16.77 -1.16 -14.27
CA GLN A 564 -16.75 0.28 -14.09
C GLN A 564 -17.77 1.02 -14.97
N GLN A 565 -17.90 0.58 -16.21
CA GLN A 565 -18.87 1.19 -17.13
C GLN A 565 -20.29 0.86 -16.68
N GLY A 566 -20.46 -0.28 -16.06
CA GLY A 566 -21.75 -0.66 -15.52
C GLY A 566 -22.13 0.15 -14.30
N LEU A 567 -21.14 0.73 -13.63
CA LEU A 567 -21.37 1.49 -12.39
C LEU A 567 -21.51 2.98 -12.65
N ALA A 568 -21.16 3.42 -13.86
CA ALA A 568 -21.18 4.83 -14.22
C ALA A 568 -22.51 5.48 -13.88
N GLY A 569 -22.44 6.65 -13.23
CA GLY A 569 -23.63 7.44 -12.96
C GLY A 569 -24.52 6.90 -11.86
N LYS A 570 -24.01 5.96 -11.08
CA LYS A 570 -24.72 5.49 -9.91
C LYS A 570 -24.27 6.26 -8.65
N ARG A 571 -25.21 6.59 -7.78
CA ARG A 571 -24.85 7.16 -6.50
C ARG A 571 -25.35 6.24 -5.41
N ARG A 572 -24.43 5.55 -4.76
CA ARG A 572 -24.78 4.39 -3.95
C ARG A 572 -24.64 4.64 -2.45
N ALA A 573 -24.06 5.76 -2.10
CA ALA A 573 -23.88 6.12 -0.71
C ALA A 573 -24.35 7.54 -0.46
N THR A 574 -25.02 7.77 0.66
CA THR A 574 -25.47 9.10 1.00
C THR A 574 -24.56 9.66 2.09
N ILE A 575 -24.59 10.98 2.24
CA ILE A 575 -23.80 11.65 3.26
C ILE A 575 -24.18 11.13 4.66
N GLU A 576 -25.45 10.75 4.83
CA GLU A 576 -25.92 10.26 6.13
C GLU A 576 -25.32 8.90 6.43
N GLN A 577 -25.23 8.05 5.41
CA GLN A 577 -24.52 6.79 5.55
C GLN A 577 -23.05 7.01 5.91
N LEU A 578 -22.40 7.92 5.18
CA LEU A 578 -20.99 8.19 5.42
C LEU A 578 -20.76 8.65 6.85
N LEU A 579 -21.70 9.43 7.38
CA LEU A 579 -21.55 10.01 8.71
C LEU A 579 -22.09 9.14 9.83
N THR A 580 -22.33 7.86 9.55
CA THR A 580 -22.91 6.96 10.54
C THR A 580 -21.87 6.42 11.52
N ILE A 581 -21.77 7.08 12.67
CA ILE A 581 -20.75 6.77 13.68
C ILE A 581 -20.90 5.35 14.27
N PRO A 582 -19.83 4.54 14.20
CA PRO A 582 -19.90 3.14 14.64
C PRO A 582 -19.95 2.97 16.17
N LEU A 583 -20.96 3.54 16.83
CA LEU A 583 -21.13 3.39 18.28
C LEU A 583 -21.69 2.03 18.64
N ALA A 584 -21.18 1.40 19.70
CA ALA A 584 -21.75 0.14 20.18
C ALA A 584 -23.11 0.39 20.84
N LYS A 585 -24.02 -0.57 20.68
CA LYS A 585 -25.34 -0.48 21.31
C LYS A 585 -25.24 -0.84 22.79
N GLU A 586 -26.33 -0.57 23.51
CA GLU A 586 -26.41 -0.83 24.95
C GLU A 586 -26.22 -2.31 25.22
N LEU A 587 -25.29 -2.65 26.11
CA LEU A 587 -25.06 -4.05 26.48
C LEU A 587 -24.70 -4.92 25.27
N ALA A 588 -23.66 -4.54 24.52
CA ALA A 588 -23.31 -5.31 23.34
C ALA A 588 -22.44 -6.53 23.67
N TRP A 589 -21.69 -6.46 24.78
CA TRP A 589 -20.62 -7.45 25.03
C TRP A 589 -20.70 -8.14 26.40
N ALA A 590 -20.36 -9.42 26.43
CA ALA A 590 -20.14 -10.11 27.69
C ALA A 590 -18.70 -9.84 28.14
N PRO A 591 -18.40 -10.10 29.42
CA PRO A 591 -17.06 -9.88 29.97
C PRO A 591 -15.97 -10.65 29.22
N ASP A 592 -16.29 -11.83 28.72
CA ASP A 592 -15.29 -12.63 27.99
C ASP A 592 -14.99 -12.03 26.61
N GLU A 593 -15.98 -11.37 26.02
CA GLU A 593 -15.79 -10.71 24.72
C GLU A 593 -14.93 -9.46 24.86
N ILE A 594 -15.12 -8.72 25.96
CA ILE A 594 -14.34 -7.53 26.26
C ILE A 594 -12.88 -7.89 26.58
N ARG A 595 -12.69 -8.97 27.32
CA ARG A 595 -11.35 -9.45 27.63
C ARG A 595 -10.63 -9.89 26.35
N GLU A 596 -11.34 -10.55 25.45
CA GLU A 596 -10.71 -10.98 24.21
C GLU A 596 -10.23 -9.79 23.37
N GLU A 597 -11.07 -8.78 23.26
CA GLU A 597 -10.75 -7.60 22.50
C GLU A 597 -9.54 -6.88 23.10
N VAL A 598 -9.52 -6.75 24.42
CA VAL A 598 -8.40 -6.11 25.07
C VAL A 598 -7.09 -6.90 24.87
N ASP A 599 -7.12 -8.21 25.16
CA ASP A 599 -5.96 -9.05 24.94
C ASP A 599 -5.53 -8.95 23.47
N ASN A 600 -6.48 -9.04 22.56
CA ASN A 600 -6.13 -9.00 21.13
C ASN A 600 -5.48 -7.69 20.70
N ASN A 601 -6.06 -6.57 21.11
CA ASN A 601 -5.45 -5.28 20.83
C ASN A 601 -4.08 -5.05 21.49
N CYS A 602 -3.91 -5.47 22.74
CA CYS A 602 -2.63 -5.29 23.41
C CYS A 602 -1.50 -6.11 22.78
N GLN A 603 -1.82 -7.33 22.39
CA GLN A 603 -0.87 -8.23 21.75
C GLN A 603 -0.42 -7.75 20.37
N SER A 604 -1.36 -7.24 19.58
CA SER A 604 -0.99 -6.69 18.28
C SER A 604 -0.14 -5.44 18.42
N ILE A 605 -0.51 -4.59 19.38
CA ILE A 605 0.23 -3.36 19.71
C ILE A 605 1.64 -3.66 20.21
N LEU A 606 1.76 -4.49 21.23
CA LEU A 606 3.07 -4.90 21.76
C LEU A 606 3.95 -5.55 20.68
N GLY A 607 3.36 -6.44 19.92
CA GLY A 607 4.09 -7.18 18.91
C GLY A 607 4.71 -6.25 17.88
N TYR A 608 3.96 -5.23 17.49
CA TYR A 608 4.43 -4.30 16.47
C TYR A 608 5.43 -3.31 17.06
N VAL A 609 5.06 -2.72 18.19
CA VAL A 609 5.82 -1.63 18.78
C VAL A 609 7.21 -2.06 19.23
N VAL A 610 7.34 -3.29 19.73
CA VAL A 610 8.63 -3.73 20.24
C VAL A 610 9.70 -3.76 19.15
N ARG A 611 9.30 -4.18 17.95
CA ARG A 611 10.23 -4.18 16.83
C ARG A 611 10.43 -2.79 16.22
N TRP A 612 9.43 -1.92 16.38
CA TRP A 612 9.51 -0.53 15.92
C TRP A 612 10.54 0.22 16.76
N VAL A 613 10.38 0.16 18.08
CA VAL A 613 11.16 0.98 18.99
C VAL A 613 12.58 0.45 19.23
N ASP A 614 12.70 -0.87 19.35
CA ASP A 614 13.99 -1.51 19.63
C ASP A 614 14.80 -1.83 18.37
N GLN A 615 14.14 -1.98 17.23
CA GLN A 615 14.89 -2.38 16.03
C GLN A 615 14.64 -1.53 14.79
N GLY A 616 13.82 -0.49 14.88
CA GLY A 616 13.53 0.34 13.74
C GLY A 616 12.85 -0.41 12.59
N VAL A 617 12.03 -1.40 12.93
CA VAL A 617 11.29 -2.16 11.92
C VAL A 617 9.84 -1.69 11.87
N GLY A 618 9.45 -1.09 10.74
CA GLY A 618 8.16 -0.44 10.64
C GLY A 618 7.02 -1.33 10.18
N ALA A 619 7.31 -2.57 9.81
CA ALA A 619 6.28 -3.52 9.37
C ALA A 619 6.69 -4.93 9.78
N SER A 620 5.79 -5.65 10.44
CA SER A 620 6.10 -6.98 11.00
C SER A 620 4.86 -7.88 10.95
N LYS A 621 5.10 -9.17 10.79
CA LYS A 621 4.04 -10.14 10.93
C LYS A 621 3.87 -10.42 12.42
N VAL A 622 2.69 -10.12 12.93
CA VAL A 622 2.40 -10.35 14.33
C VAL A 622 1.16 -11.24 14.43
N PRO A 623 1.32 -12.43 15.02
CA PRO A 623 0.11 -13.26 15.10
C PRO A 623 -0.85 -12.71 16.15
N ASP A 624 -2.14 -12.71 15.85
CA ASP A 624 -3.11 -12.18 16.78
C ASP A 624 -3.50 -13.23 17.83
N ILE A 625 -4.52 -12.90 18.62
CA ILE A 625 -4.96 -13.76 19.72
C ILE A 625 -5.41 -15.15 19.22
N HIS A 626 -5.83 -15.23 17.96
CA HIS A 626 -6.27 -16.48 17.38
C HIS A 626 -5.16 -17.16 16.61
N ASP A 627 -3.96 -16.61 16.72
CA ASP A 627 -2.75 -17.15 16.09
C ASP A 627 -2.68 -16.92 14.58
N VAL A 628 -3.55 -16.07 14.06
CA VAL A 628 -3.45 -15.62 12.67
C VAL A 628 -2.36 -14.55 12.52
N ALA A 629 -1.43 -14.77 11.59
CA ALA A 629 -0.35 -13.82 11.34
C ALA A 629 -0.87 -12.60 10.58
N LEU A 630 -0.70 -11.42 11.17
CA LEU A 630 -1.17 -10.19 10.55
C LEU A 630 0.04 -9.34 10.20
N MET A 631 0.01 -8.74 9.01
CA MET A 631 1.05 -7.80 8.66
C MET A 631 0.68 -6.47 9.29
N GLU A 632 1.42 -6.07 10.31
CA GLU A 632 1.11 -4.86 11.06
C GLU A 632 1.91 -3.67 10.56
N ASP A 633 1.26 -2.52 10.48
CA ASP A 633 1.98 -1.28 10.32
C ASP A 633 1.27 -0.18 11.10
N ARG A 634 1.68 1.07 10.92
CA ARG A 634 1.21 2.15 11.77
C ARG A 634 -0.31 2.29 11.78
N ALA A 635 -0.96 2.00 10.65
CA ALA A 635 -2.40 2.17 10.58
C ALA A 635 -3.13 1.14 11.45
N THR A 636 -2.68 -0.10 11.40
CA THR A 636 -3.26 -1.12 12.28
C THR A 636 -3.01 -0.74 13.74
N LEU A 637 -1.84 -0.17 14.01
CA LEU A 637 -1.54 0.37 15.33
C LEU A 637 -2.47 1.49 15.74
N ARG A 638 -2.76 2.41 14.81
CA ARG A 638 -3.65 3.51 15.11
CA ARG A 638 -3.65 3.51 15.09
C ARG A 638 -5.02 2.99 15.53
N ILE A 639 -5.48 1.93 14.89
CA ILE A 639 -6.79 1.40 15.24
C ILE A 639 -6.77 0.76 16.63
N SER A 640 -5.82 -0.15 16.84
CA SER A 640 -5.79 -0.88 18.09
C SER A 640 -5.68 0.08 19.27
N SER A 641 -4.75 1.05 19.19
CA SER A 641 -4.55 1.99 20.27
C SER A 641 -5.72 2.95 20.46
N GLN A 642 -6.31 3.41 19.36
CA GLN A 642 -7.46 4.32 19.46
C GLN A 642 -8.69 3.66 20.04
N LEU A 643 -8.90 2.41 19.65
CA LEU A 643 -10.04 1.63 20.13
C LEU A 643 -9.94 1.43 21.65
N LEU A 644 -8.79 0.97 22.14
CA LEU A 644 -8.61 0.83 23.60
C LEU A 644 -8.75 2.18 24.31
N ALA A 645 -8.17 3.23 23.72
CA ALA A 645 -8.27 4.55 24.31
C ALA A 645 -9.74 4.97 24.42
N ASN A 646 -10.52 4.60 23.43
CA ASN A 646 -11.95 4.89 23.42
C ASN A 646 -12.71 4.10 24.51
N TRP A 647 -12.40 2.82 24.62
CA TRP A 647 -12.99 1.99 25.66
C TRP A 647 -12.61 2.48 27.05
N LEU A 648 -11.38 2.98 27.21
CA LEU A 648 -10.95 3.48 28.50
C LEU A 648 -11.64 4.81 28.81
N ARG A 649 -11.73 5.66 27.79
CA ARG A 649 -12.37 6.96 27.91
C ARG A 649 -13.83 6.82 28.34
N HIS A 650 -14.50 5.75 27.92
CA HIS A 650 -15.91 5.57 28.25
C HIS A 650 -16.27 4.52 29.31
N GLY A 651 -15.26 4.01 30.01
CA GLY A 651 -15.51 3.11 31.12
C GLY A 651 -15.96 1.72 30.75
N VAL A 652 -15.63 1.27 29.54
CA VAL A 652 -15.86 -0.11 29.15
C VAL A 652 -14.86 -0.98 29.89
N ILE A 653 -13.64 -0.48 30.01
CA ILE A 653 -12.57 -1.19 30.70
C ILE A 653 -11.86 -0.23 31.65
N THR A 654 -11.11 -0.78 32.61
CA THR A 654 -10.37 0.06 33.55
C THR A 654 -8.90 0.15 33.15
N SER A 655 -8.15 1.05 33.80
CA SER A 655 -6.71 1.15 33.54
C SER A 655 -5.98 -0.12 33.99
N ALA A 656 -6.50 -0.81 35.00
CA ALA A 656 -5.92 -2.06 35.46
C ALA A 656 -6.15 -3.17 34.43
N ASP A 657 -7.30 -3.15 33.75
CA ASP A 657 -7.52 -4.08 32.64
C ASP A 657 -6.46 -3.89 31.56
N VAL A 658 -6.22 -2.64 31.20
CA VAL A 658 -5.23 -2.34 30.18
C VAL A 658 -3.87 -2.86 30.63
N ARG A 659 -3.45 -2.45 31.81
CA ARG A 659 -2.14 -2.85 32.34
C ARG A 659 -1.96 -4.37 32.39
N ALA A 660 -2.95 -5.05 32.95
CA ALA A 660 -2.86 -6.49 33.15
C ALA A 660 -2.71 -7.21 31.81
N SER A 661 -3.38 -6.69 30.80
CA SER A 661 -3.37 -7.27 29.49
C SER A 661 -2.00 -7.06 28.84
N LEU A 662 -1.49 -5.84 28.89
CA LEU A 662 -0.13 -5.56 28.41
C LEU A 662 0.87 -6.49 29.09
N GLU A 663 0.75 -6.64 30.40
CA GLU A 663 1.68 -7.50 31.14
C GLU A 663 1.50 -8.99 30.82
N ARG A 664 0.28 -9.39 30.48
CA ARG A 664 0.01 -10.79 30.14
C ARG A 664 0.54 -11.16 28.74
N MET A 665 0.40 -10.25 27.77
CA MET A 665 0.79 -10.53 26.39
C MET A 665 2.29 -10.31 26.13
N ALA A 666 2.91 -9.44 26.93
CA ALA A 666 4.32 -9.12 26.72
C ALA A 666 5.24 -10.36 26.65
N PRO A 667 5.13 -11.28 27.62
CA PRO A 667 5.97 -12.49 27.60
C PRO A 667 5.67 -13.36 26.38
N LEU A 668 4.43 -13.29 25.91
CA LEU A 668 4.06 -14.05 24.72
C LEU A 668 4.78 -13.47 23.52
N VAL A 669 4.80 -12.14 23.45
CA VAL A 669 5.55 -11.44 22.42
C VAL A 669 7.05 -11.70 22.56
N ASP A 670 7.56 -11.77 23.78
CA ASP A 670 8.99 -12.03 23.97
C ASP A 670 9.32 -13.40 23.38
N ARG A 671 8.40 -14.34 23.55
CA ARG A 671 8.59 -15.71 23.12
C ARG A 671 8.58 -15.78 21.61
N GLN A 672 7.63 -15.07 21.00
CA GLN A 672 7.54 -14.96 19.55
C GLN A 672 8.83 -14.43 18.92
N ASN A 673 9.55 -13.57 19.64
CA ASN A 673 10.81 -13.03 19.15
C ASN A 673 12.08 -13.70 19.69
N ALA A 674 11.92 -14.81 20.42
CA ALA A 674 13.01 -15.43 21.18
C ALA A 674 14.30 -15.68 20.38
N GLY A 675 14.21 -15.81 19.07
CA GLY A 675 15.40 -15.97 18.25
C GLY A 675 16.24 -14.71 18.13
N ASP A 676 15.66 -13.70 17.50
CA ASP A 676 16.35 -12.47 17.12
C ASP A 676 17.47 -12.02 18.05
N VAL A 677 18.69 -12.01 17.54
CA VAL A 677 19.84 -11.60 18.34
C VAL A 677 19.68 -10.18 18.87
N ALA A 678 19.03 -9.31 18.10
CA ALA A 678 18.84 -7.93 18.50
C ALA A 678 17.58 -7.69 19.37
N TYR A 679 16.94 -8.76 19.81
CA TYR A 679 15.74 -8.61 20.62
C TYR A 679 16.04 -8.47 22.13
N ARG A 680 15.38 -7.49 22.76
CA ARG A 680 15.49 -7.31 24.21
C ARG A 680 14.14 -7.59 24.86
N PRO A 681 14.05 -8.67 25.65
CA PRO A 681 12.79 -9.03 26.31
C PRO A 681 12.19 -7.83 27.05
N MET A 682 10.86 -7.74 27.07
CA MET A 682 10.17 -6.70 27.82
C MET A 682 9.87 -7.16 29.25
N ALA A 683 9.50 -8.43 29.38
CA ALA A 683 9.26 -9.03 30.69
C ALA A 683 10.56 -9.53 31.30
N PRO A 684 10.67 -9.55 32.65
CA PRO A 684 9.63 -9.17 33.61
C PRO A 684 9.74 -7.72 34.04
N ASN A 685 10.77 -7.01 33.58
CA ASN A 685 11.01 -5.64 34.01
C ASN A 685 10.43 -4.63 33.02
N PHE A 686 9.14 -4.77 32.83
CA PHE A 686 8.38 -3.94 31.92
C PHE A 686 8.82 -2.48 31.88
N ASP A 687 8.80 -1.81 33.03
CA ASP A 687 9.04 -0.37 33.05
C ASP A 687 10.49 0.05 32.76
N ASP A 688 11.36 -0.92 32.54
CA ASP A 688 12.74 -0.68 32.10
C ASP A 688 12.82 -0.81 30.56
N SER A 689 11.74 -1.30 29.96
CA SER A 689 11.66 -1.39 28.50
C SER A 689 11.07 -0.11 27.89
N ILE A 690 11.86 0.56 27.06
CA ILE A 690 11.37 1.72 26.30
C ILE A 690 10.25 1.33 25.33
N ALA A 691 10.34 0.14 24.73
CA ALA A 691 9.28 -0.35 23.85
C ALA A 691 7.96 -0.61 24.60
N PHE A 692 8.05 -1.30 25.74
CA PHE A 692 6.86 -1.54 26.56
C PHE A 692 6.17 -0.24 26.95
N LEU A 693 6.96 0.75 27.36
CA LEU A 693 6.42 2.04 27.77
C LEU A 693 5.82 2.81 26.60
N ALA A 694 6.36 2.60 25.40
CA ALA A 694 5.82 3.22 24.21
C ALA A 694 4.42 2.64 24.00
N ALA A 695 4.33 1.32 24.10
CA ALA A 695 3.07 0.62 23.94
C ALA A 695 2.02 1.19 24.89
N GLN A 696 2.40 1.29 26.16
CA GLN A 696 1.51 1.82 27.19
C GLN A 696 1.10 3.25 26.90
N GLU A 697 2.06 4.09 26.50
CA GLU A 697 1.78 5.49 26.18
C GLU A 697 0.81 5.63 24.98
N LEU A 698 0.99 4.80 23.96
CA LEU A 698 0.11 4.84 22.80
C LEU A 698 -1.37 4.68 23.21
N ILE A 699 -1.59 3.89 24.24
CA ILE A 699 -2.96 3.64 24.71
C ILE A 699 -3.42 4.73 25.67
N LEU A 700 -2.66 4.94 26.75
CA LEU A 700 -3.04 5.85 27.82
C LEU A 700 -3.02 7.32 27.39
N SER A 701 -2.28 7.63 26.34
CA SER A 701 -2.28 8.98 25.78
C SER A 701 -2.94 9.08 24.41
N GLY A 702 -3.42 7.95 23.91
CA GLY A 702 -4.05 7.87 22.59
C GLY A 702 -5.05 8.98 22.31
N ALA A 703 -5.93 9.22 23.28
CA ALA A 703 -6.98 10.22 23.12
C ALA A 703 -6.42 11.64 22.90
N GLN A 704 -5.18 11.86 23.32
CA GLN A 704 -4.53 13.16 23.23
C GLN A 704 -3.71 13.36 21.96
N GLN A 705 -3.43 12.29 21.24
CA GLN A 705 -2.66 12.39 20.00
C GLN A 705 -3.44 13.07 18.89
N PRO A 706 -2.75 13.89 18.08
CA PRO A 706 -3.46 14.65 17.04
C PRO A 706 -4.09 13.73 16.01
N ASN A 707 -5.42 13.74 15.94
CA ASN A 707 -6.14 12.84 15.04
C ASN A 707 -5.81 11.39 15.26
N GLY A 708 -5.36 11.08 16.47
CA GLY A 708 -5.04 9.72 16.86
C GLY A 708 -3.76 9.19 16.25
N TYR A 709 -2.88 10.06 15.76
CA TYR A 709 -1.69 9.60 15.06
C TYR A 709 -0.68 8.99 16.02
N THR A 710 -0.01 7.94 15.55
CA THR A 710 0.92 7.20 16.37
C THR A 710 2.36 7.70 16.26
N GLU A 711 2.64 8.50 15.23
CA GLU A 711 4.03 8.86 14.91
C GLU A 711 4.71 9.62 16.02
N PRO A 712 4.04 10.65 16.57
CA PRO A 712 4.71 11.44 17.61
C PRO A 712 5.32 10.56 18.69
N ILE A 713 4.56 9.60 19.19
CA ILE A 713 5.08 8.75 20.26
C ILE A 713 6.13 7.77 19.75
N LEU A 714 5.86 7.13 18.61
CA LEU A 714 6.84 6.18 18.08
C LEU A 714 8.20 6.86 17.84
N HIS A 715 8.16 8.03 17.21
CA HIS A 715 9.38 8.74 16.91
C HIS A 715 10.13 9.10 18.18
N ARG A 716 9.41 9.73 19.11
CA ARG A 716 10.00 10.13 20.36
C ARG A 716 10.68 8.96 21.07
N ARG A 717 9.99 7.83 21.15
CA ARG A 717 10.51 6.66 21.86
C ARG A 717 11.63 5.96 21.09
N ARG A 718 11.48 5.84 19.78
CA ARG A 718 12.54 5.29 18.94
C ARG A 718 13.83 6.14 19.07
N ARG A 719 13.67 7.46 19.12
CA ARG A 719 14.84 8.32 19.31
C ARG A 719 15.42 8.13 20.71
N GLU A 720 14.54 7.99 21.70
CA GLU A 720 14.98 7.75 23.07
C GLU A 720 15.82 6.48 23.13
N PHE A 721 15.32 5.41 22.53
CA PHE A 721 16.03 4.13 22.50
C PHE A 721 17.41 4.23 21.84
N LYS A 722 17.50 4.85 20.67
CA LYS A 722 18.80 5.01 19.99
C LYS A 722 19.79 5.75 20.86
N ALA A 723 19.34 6.84 21.49
CA ALA A 723 20.18 7.63 22.37
C ALA A 723 20.67 6.83 23.57
N ARG A 724 19.85 5.95 24.12
CA ARG A 724 20.26 5.11 25.24
C ARG A 724 21.26 4.05 24.81
N ALA A 725 21.02 3.47 23.65
CA ALA A 725 21.93 2.49 23.08
C ALA A 725 23.32 3.07 22.82
N ALA A 726 23.44 4.38 22.82
CA ALA A 726 24.74 5.02 22.59
C ALA A 726 25.46 5.45 23.87
N GLU A 727 25.26 4.69 24.95
CA GLU A 727 25.84 5.03 26.25
C GLU A 727 26.30 3.79 27.02
#